data_5ZWR
#
_entry.id   5ZWR
#
_cell.length_a   122.251
_cell.length_b   122.251
_cell.length_c   155.824
_cell.angle_alpha   90.00
_cell.angle_beta   90.00
_cell.angle_gamma   90.00
#
_symmetry.space_group_name_H-M   'I 4'
#
loop_
_entity.id
_entity.type
_entity.pdbx_description
1 polymer Est-Y29
2 non-polymer GLYCEROL
3 non-polymer '(2S)-2-[3-(benzenecarbonyl)phenyl]propanoic acid'
4 water water
#
_entity_poly.entity_id   1
_entity_poly.type   'polypeptide(L)'
_entity_poly.pdbx_seq_one_letter_code
;MRGSHHHHHHGSMPDLLTNVAENYVNQDLFAGIEWRIDQDGKPIFQGCAGVKDIETRTFIPKNAIYRIYSMTKPIVSFLA
MMLIERGVFRLSSPIQNFDPRFKSMKVIDQHAHIEPATALITIEHLLTHQAGFSYDFSLGCPISAHYRDAQLIEDGGRDL
TDMMGVLAELPLVFHPGTQWKYSISTDVLAHIIECATGERVDDLLQRLIFDPLDMQDTGFSLPLDGASRLMEVYGMRSLA
GLPALKPAPHVLVPADLGSSHPTDDPDFRRGGHGLYSTLDDYMAFANMLLSGQTPEGETLLSPAVLKLALAPRVHFGARG
MRINDEPFAGYSWNLLGRVMTDVGAAAYATHLGEFGWSGAAATYFWVDPTKNMTGCVMTQFLGSQHPIGSDMQAAAMSML
G
;
_entity_poly.pdbx_strand_id   B,A
#
loop_
_chem_comp.id
_chem_comp.type
_chem_comp.name
_chem_comp.formula
9KL non-polymer '(2S)-2-[3-(benzenecarbonyl)phenyl]propanoic acid' 'C16 H14 O3'
GOL non-polymer GLYCEROL 'C3 H8 O3'
#
# COMPACT_ATOMS: atom_id res chain seq x y z
N PRO A 14 44.89 6.36 -18.00
CA PRO A 14 43.76 6.78 -18.85
C PRO A 14 42.72 7.59 -18.10
N ASP A 15 42.01 8.44 -18.83
CA ASP A 15 40.95 9.28 -18.28
C ASP A 15 39.68 8.43 -18.20
N LEU A 16 39.61 7.62 -17.14
CA LEU A 16 38.47 6.73 -16.96
C LEU A 16 37.16 7.50 -16.81
N LEU A 17 37.22 8.70 -16.22
CA LEU A 17 36.02 9.52 -16.06
C LEU A 17 35.45 9.90 -17.41
N THR A 18 36.28 10.41 -18.31
CA THR A 18 35.80 10.76 -19.64
C THR A 18 35.26 9.52 -20.36
N ASN A 19 35.92 8.37 -20.21
CA ASN A 19 35.46 7.18 -20.91
C ASN A 19 34.07 6.77 -20.44
N VAL A 20 33.82 6.83 -19.14
CA VAL A 20 32.50 6.49 -18.61
C VAL A 20 31.45 7.44 -19.14
N ALA A 21 31.72 8.74 -19.05
CA ALA A 21 30.72 9.74 -19.43
C ALA A 21 30.45 9.69 -20.94
N GLU A 22 31.51 9.61 -21.75
CA GLU A 22 31.30 9.57 -23.19
C GLU A 22 30.54 8.32 -23.61
N ASN A 23 30.82 7.18 -22.97
CA ASN A 23 30.08 5.97 -23.31
C ASN A 23 28.60 6.15 -22.99
N TYR A 24 28.29 6.75 -21.85
CA TYR A 24 26.90 7.00 -21.49
C TYR A 24 26.21 7.91 -22.50
N VAL A 25 26.91 8.95 -22.98
CA VAL A 25 26.35 9.83 -24.00
C VAL A 25 26.24 9.09 -25.34
N ASN A 26 27.28 8.37 -25.72
CA ASN A 26 27.28 7.68 -27.02
C ASN A 26 26.22 6.59 -27.10
N GLN A 27 25.84 5.99 -25.98
CA GLN A 27 24.82 4.97 -25.96
C GLN A 27 23.42 5.54 -25.76
N ASP A 28 23.26 6.86 -25.86
CA ASP A 28 21.97 7.52 -25.77
C ASP A 28 21.29 7.27 -24.43
N LEU A 29 22.09 7.18 -23.37
CA LEU A 29 21.57 6.93 -22.03
C LEU A 29 21.44 8.20 -21.19
N PHE A 30 22.27 9.21 -21.44
CA PHE A 30 22.19 10.49 -20.76
C PHE A 30 22.43 11.59 -21.79
N ALA A 31 21.74 12.72 -21.66
CA ALA A 31 21.89 13.80 -22.64
C ALA A 31 23.19 14.56 -22.44
N GLY A 32 23.50 14.91 -21.20
CA GLY A 32 24.69 15.70 -20.91
C GLY A 32 25.14 15.45 -19.49
N ILE A 33 26.45 15.45 -19.28
CA ILE A 33 27.07 15.12 -18.01
C ILE A 33 28.20 16.10 -17.75
N GLU A 34 28.27 16.64 -16.53
CA GLU A 34 29.43 17.37 -16.06
C GLU A 34 29.99 16.70 -14.80
N TRP A 35 31.30 16.78 -14.62
CA TRP A 35 31.88 16.26 -13.40
C TRP A 35 33.07 17.11 -12.99
N ARG A 36 33.35 17.12 -11.68
CA ARG A 36 34.57 17.72 -11.17
C ARG A 36 34.98 16.95 -9.93
N ILE A 37 36.27 16.70 -9.81
CA ILE A 37 36.87 16.08 -8.62
C ILE A 37 37.93 17.03 -8.10
N ASP A 38 37.84 17.37 -6.82
CA ASP A 38 38.81 18.26 -6.18
C ASP A 38 39.64 17.48 -5.19
N GLN A 39 40.89 17.92 -5.02
CA GLN A 39 41.73 17.44 -3.93
C GLN A 39 42.36 18.64 -3.28
N ASP A 40 42.29 18.70 -1.94
CA ASP A 40 42.81 19.84 -1.20
C ASP A 40 42.17 21.15 -1.69
N GLY A 41 40.89 21.10 -2.04
CA GLY A 41 40.16 22.27 -2.42
C GLY A 41 40.39 22.77 -3.84
N LYS A 42 41.12 22.02 -4.65
CA LYS A 42 41.46 22.43 -6.00
C LYS A 42 41.14 21.32 -7.00
N PRO A 43 40.59 21.67 -8.16
CA PRO A 43 40.25 20.63 -9.14
C PRO A 43 41.46 19.82 -9.58
N ILE A 44 41.28 18.50 -9.65
CA ILE A 44 42.29 17.63 -10.24
C ILE A 44 41.76 16.92 -11.48
N PHE A 45 40.44 16.68 -11.55
CA PHE A 45 39.80 16.09 -12.72
C PHE A 45 38.51 16.84 -13.02
N GLN A 46 38.23 17.09 -14.29
CA GLN A 46 36.94 17.68 -14.60
C GLN A 46 36.67 17.54 -16.09
N GLY A 47 35.39 17.55 -16.43
CA GLY A 47 35.04 17.40 -17.82
C GLY A 47 33.55 17.56 -18.02
N CYS A 48 33.16 17.44 -19.28
CA CYS A 48 31.75 17.36 -19.62
C CYS A 48 31.61 16.50 -20.87
N ALA A 49 30.41 15.99 -21.08
CA ALA A 49 30.11 15.19 -22.26
C ALA A 49 28.66 15.44 -22.63
N GLY A 50 28.38 15.45 -23.92
CA GLY A 50 27.01 15.58 -24.37
C GLY A 50 26.52 17.00 -24.51
N VAL A 51 25.22 17.20 -24.30
CA VAL A 51 24.54 18.46 -24.61
C VAL A 51 23.55 18.80 -23.50
N LYS A 52 23.08 20.06 -23.54
CA LYS A 52 22.04 20.49 -22.62
C LYS A 52 20.72 19.78 -22.89
N ASP A 53 20.38 19.59 -24.17
CA ASP A 53 19.12 18.98 -24.55
C ASP A 53 19.37 18.32 -25.90
N ILE A 54 18.82 17.12 -26.09
CA ILE A 54 19.04 16.41 -27.35
C ILE A 54 18.14 16.94 -28.46
N GLU A 55 17.11 17.73 -28.12
CA GLU A 55 16.21 18.24 -29.15
C GLU A 55 16.92 19.26 -30.04
N THR A 56 17.58 20.23 -29.43
CA THR A 56 18.31 21.25 -30.19
C THR A 56 19.82 21.05 -30.18
N ARG A 57 20.32 20.10 -29.40
CA ARG A 57 21.76 19.83 -29.31
C ARG A 57 22.54 21.10 -28.95
N THR A 58 21.96 21.90 -28.06
CA THR A 58 22.71 23.01 -27.47
C THR A 58 23.81 22.46 -26.56
N PHE A 59 25.00 23.06 -26.64
CA PHE A 59 26.07 22.63 -25.76
C PHE A 59 25.71 22.91 -24.31
N ILE A 60 26.28 22.13 -23.40
CA ILE A 60 26.10 22.39 -21.97
C ILE A 60 26.58 23.81 -21.70
N PRO A 61 25.73 24.69 -21.19
CA PRO A 61 26.14 26.09 -21.01
C PRO A 61 27.13 26.26 -19.87
N LYS A 62 27.78 27.41 -19.88
CA LYS A 62 28.56 27.83 -18.73
C LYS A 62 27.64 27.96 -17.52
N ASN A 63 28.07 27.42 -16.38
CA ASN A 63 27.29 27.42 -15.14
C ASN A 63 25.89 26.81 -15.35
N ALA A 64 25.87 25.63 -15.96
CA ALA A 64 24.62 24.93 -16.20
C ALA A 64 23.92 24.60 -14.89
N ILE A 65 22.59 24.68 -14.90
CA ILE A 65 21.78 24.51 -13.69
C ILE A 65 21.09 23.14 -13.71
N TYR A 66 21.10 22.48 -12.55
CA TYR A 66 20.55 21.14 -12.39
C TYR A 66 19.53 21.13 -11.26
N ARG A 67 18.48 20.33 -11.43
CA ARG A 67 17.61 19.97 -10.31
C ARG A 67 18.30 18.87 -9.52
N ILE A 68 18.67 19.15 -8.27
CA ILE A 68 19.50 18.23 -7.52
C ILE A 68 18.71 17.28 -6.65
N TYR A 69 17.38 17.45 -6.60
CA TYR A 69 16.51 16.58 -5.83
C TYR A 69 17.13 16.27 -4.47
N SER A 70 17.33 15.00 -4.12
CA SER A 70 17.70 14.70 -2.73
C SER A 70 19.11 15.14 -2.35
N MET A 71 19.91 15.68 -3.26
CA MET A 71 21.10 16.39 -2.79
C MET A 71 20.75 17.69 -2.07
N THR A 72 19.46 18.04 -2.04
CA THR A 72 18.98 19.05 -1.09
C THR A 72 19.13 18.58 0.35
N LYS A 73 19.01 17.26 0.60
CA LYS A 73 18.95 16.80 1.99
C LYS A 73 20.23 17.06 2.80
N PRO A 74 21.43 16.81 2.26
CA PRO A 74 22.63 17.13 3.07
C PRO A 74 22.74 18.60 3.40
N ILE A 75 22.26 19.49 2.52
CA ILE A 75 22.30 20.92 2.78
C ILE A 75 21.35 21.30 3.91
N VAL A 76 20.10 20.82 3.84
CA VAL A 76 19.14 21.14 4.89
C VAL A 76 19.56 20.46 6.21
N SER A 77 20.13 19.25 6.12
CA SER A 77 20.63 18.61 7.33
C SER A 77 21.78 19.41 7.95
N PHE A 78 22.69 19.91 7.12
CA PHE A 78 23.78 20.74 7.63
C PHE A 78 23.22 21.99 8.32
N LEU A 79 22.23 22.64 7.71
CA LEU A 79 21.57 23.77 8.36
C LEU A 79 21.06 23.38 9.74
N ALA A 80 20.41 22.21 9.84
CA ALA A 80 19.91 21.78 11.14
C ALA A 80 21.05 21.64 12.15
N MET A 81 22.21 21.15 11.71
CA MET A 81 23.34 21.03 12.63
C MET A 81 23.84 22.40 13.07
N MET A 82 23.86 23.36 12.17
CA MET A 82 24.21 24.73 12.57
C MET A 82 23.23 25.26 13.62
N LEU A 83 21.94 24.97 13.45
CA LEU A 83 20.96 25.47 14.41
C LEU A 83 21.09 24.75 15.74
N ILE A 84 21.43 23.46 15.71
CA ILE A 84 21.74 22.75 16.96
C ILE A 84 22.92 23.40 17.66
N GLU A 85 23.98 23.71 16.92
CA GLU A 85 25.15 24.32 17.51
C GLU A 85 24.81 25.65 18.17
N ARG A 86 23.89 26.39 17.57
CA ARG A 86 23.47 27.70 18.05
C ARG A 86 22.37 27.63 19.10
N GLY A 87 21.92 26.43 19.47
CA GLY A 87 20.99 26.26 20.57
C GLY A 87 19.52 26.39 20.23
N VAL A 88 19.16 26.44 18.94
CA VAL A 88 17.76 26.58 18.55
C VAL A 88 16.96 25.36 18.97
N PHE A 89 17.54 24.19 18.79
CA PHE A 89 16.96 22.94 19.29
C PHE A 89 18.11 21.95 19.45
N ARG A 90 17.78 20.74 19.87
CA ARG A 90 18.80 19.70 20.00
C ARG A 90 18.31 18.41 19.37
N LEU A 91 19.23 17.46 19.19
CA LEU A 91 18.88 16.20 18.56
C LEU A 91 17.69 15.53 19.25
N SER A 92 17.62 15.65 20.57
CA SER A 92 16.55 14.98 21.30
C SER A 92 15.26 15.79 21.38
N SER A 93 15.19 16.96 20.75
CA SER A 93 13.99 17.79 20.83
C SER A 93 12.79 17.10 20.19
N PRO A 94 11.68 16.90 20.90
CA PRO A 94 10.45 16.42 20.24
C PRO A 94 9.91 17.47 19.29
N ILE A 95 9.61 17.07 18.05
CA ILE A 95 9.16 18.05 17.07
C ILE A 95 7.80 18.61 17.43
N GLN A 96 6.99 17.90 18.21
CA GLN A 96 5.68 18.41 18.60
C GLN A 96 5.79 19.65 19.48
N ASN A 97 6.96 19.89 20.10
CA ASN A 97 7.19 21.13 20.84
C ASN A 97 7.14 22.35 19.94
N PHE A 98 7.43 22.17 18.65
CA PHE A 98 7.47 23.26 17.69
C PHE A 98 6.25 23.32 16.77
N ASP A 99 5.65 22.18 16.46
CA ASP A 99 4.38 22.13 15.74
C ASP A 99 3.49 21.08 16.40
N PRO A 100 2.49 21.50 17.18
CA PRO A 100 1.63 20.53 17.87
C PRO A 100 0.77 19.69 16.93
N ARG A 101 0.76 19.96 15.62
CA ARG A 101 0.04 19.08 14.73
C ARG A 101 0.66 17.68 14.72
N PHE A 102 1.90 17.56 15.16
CA PHE A 102 2.58 16.27 15.24
C PHE A 102 2.50 15.65 16.63
N LYS A 103 1.64 16.19 17.50
CA LYS A 103 1.26 15.49 18.71
C LYS A 103 0.31 14.34 18.35
N SER A 104 0.35 13.27 19.14
CA SER A 104 -0.59 12.17 18.98
C SER A 104 -0.53 11.57 17.58
N MET A 105 0.64 11.06 17.23
CA MET A 105 0.78 10.34 15.97
C MET A 105 0.27 8.91 16.13
N LYS A 106 -0.18 8.34 15.02
CA LYS A 106 -0.57 6.94 14.96
C LYS A 106 0.39 6.16 14.07
N VAL A 107 0.39 4.83 14.22
CA VAL A 107 1.24 3.93 13.46
C VAL A 107 0.36 2.87 12.81
N ILE A 108 0.55 2.66 11.51
CA ILE A 108 -0.18 1.64 10.76
C ILE A 108 0.78 0.55 10.35
N ASP A 109 0.27 -0.66 10.17
CA ASP A 109 1.10 -1.74 9.66
C ASP A 109 0.45 -2.37 8.42
N GLN A 110 1.16 -3.35 7.84
CA GLN A 110 0.73 -3.98 6.59
C GLN A 110 -0.47 -4.89 6.76
N HIS A 111 -0.93 -5.08 7.99
CA HIS A 111 -2.12 -5.87 8.30
C HIS A 111 -3.30 -4.99 8.71
N ALA A 112 -3.25 -3.70 8.39
CA ALA A 112 -4.34 -2.76 8.62
C ALA A 112 -4.49 -2.37 10.09
N HIS A 113 -3.56 -2.79 10.94
CA HIS A 113 -3.64 -2.47 12.36
C HIS A 113 -3.09 -1.07 12.58
N ILE A 114 -3.82 -0.26 13.34
CA ILE A 114 -3.42 1.10 13.69
C ILE A 114 -3.40 1.22 15.21
N GLU A 115 -2.37 1.87 15.73
CA GLU A 115 -2.24 2.09 17.17
C GLU A 115 -1.50 3.40 17.41
N PRO A 116 -1.62 3.98 18.60
CA PRO A 116 -0.87 5.20 18.90
C PRO A 116 0.64 4.95 18.90
N ALA A 117 1.39 5.95 18.45
CA ALA A 117 2.84 5.88 18.50
C ALA A 117 3.29 5.83 19.95
N THR A 118 4.26 4.97 20.25
CA THR A 118 4.72 4.84 21.63
C THR A 118 5.98 5.66 21.92
N ALA A 119 6.43 6.47 20.96
CA ALA A 119 7.55 7.38 21.17
C ALA A 119 7.30 8.67 20.39
N LEU A 120 7.83 9.77 20.91
CA LEU A 120 7.73 11.06 20.23
C LEU A 120 8.79 11.16 19.14
N ILE A 121 8.42 11.78 18.02
CA ILE A 121 9.37 12.06 16.94
C ILE A 121 10.31 13.18 17.37
N THR A 122 11.61 12.96 17.22
CA THR A 122 12.63 13.94 17.56
C THR A 122 13.33 14.45 16.31
N ILE A 123 14.10 15.52 16.50
CA ILE A 123 14.95 16.06 15.44
C ILE A 123 15.89 14.97 14.94
N GLU A 124 16.48 14.19 15.85
CA GLU A 124 17.38 13.13 15.43
C GLU A 124 16.65 12.11 14.56
N HIS A 125 15.41 11.76 14.92
CA HIS A 125 14.64 10.85 14.08
C HIS A 125 14.48 11.39 12.68
N LEU A 126 14.22 12.69 12.55
CA LEU A 126 14.08 13.27 11.21
C LEU A 126 15.38 13.16 10.43
N LEU A 127 16.50 13.49 11.06
CA LEU A 127 17.78 13.48 10.37
C LEU A 127 18.22 12.07 9.99
N THR A 128 17.74 11.05 10.69
CA THR A 128 18.15 9.68 10.44
C THR A 128 17.12 8.85 9.70
N HIS A 129 15.99 9.45 9.27
CA HIS A 129 14.90 8.73 8.62
C HIS A 129 14.43 7.56 9.50
N GLN A 130 14.41 7.79 10.80
CA GLN A 130 13.87 6.82 11.75
C GLN A 130 12.60 7.31 12.41
N ALA A 131 11.96 8.32 11.84
CA ALA A 131 10.76 8.87 12.45
C ALA A 131 9.50 8.05 12.17
N GLY A 132 9.53 7.17 11.16
CA GLY A 132 8.34 6.43 10.76
C GLY A 132 7.60 7.02 9.58
N PHE A 133 8.06 8.13 9.02
CA PHE A 133 7.44 8.65 7.83
C PHE A 133 7.77 7.76 6.63
N SER A 134 7.01 7.95 5.56
CA SER A 134 7.18 7.22 4.32
C SER A 134 7.53 8.19 3.20
N TYR A 135 7.28 7.80 1.96
CA TYR A 135 7.45 8.65 0.80
C TYR A 135 6.37 8.26 -0.21
N ASP A 136 5.91 9.23 -1.00
CA ASP A 136 4.79 8.98 -1.91
C ASP A 136 5.08 7.81 -2.85
N PHE A 137 6.32 7.68 -3.32
CA PHE A 137 6.64 6.70 -4.34
C PHE A 137 7.24 5.43 -3.76
N SER A 138 7.09 5.18 -2.46
CA SER A 138 7.64 3.98 -1.83
C SER A 138 6.76 2.78 -2.20
N LEU A 139 7.30 1.89 -3.02
CA LEU A 139 6.54 0.74 -3.52
C LEU A 139 6.26 -0.25 -2.39
N GLY A 140 4.99 -0.65 -2.24
CA GLY A 140 4.63 -1.65 -1.26
C GLY A 140 4.47 -1.14 0.15
N CYS A 141 4.73 0.14 0.39
CA CYS A 141 4.70 0.72 1.73
C CYS A 141 3.25 0.83 2.21
N PRO A 142 2.94 0.43 3.44
CA PRO A 142 1.54 0.46 3.89
C PRO A 142 0.84 1.81 3.71
N ILE A 143 1.54 2.95 3.80
CA ILE A 143 0.85 4.24 3.79
C ILE A 143 1.13 5.07 2.54
N SER A 144 2.01 4.62 1.64
CA SER A 144 2.38 5.51 0.54
C SER A 144 1.19 5.83 -0.37
N ALA A 145 0.20 4.95 -0.46
CA ALA A 145 -0.97 5.25 -1.27
C ALA A 145 -1.69 6.48 -0.73
N HIS A 146 -1.75 6.62 0.59
CA HIS A 146 -2.39 7.81 1.16
C HIS A 146 -1.55 9.06 0.96
N TYR A 147 -0.22 8.94 0.95
CA TYR A 147 0.62 10.08 0.56
C TYR A 147 0.28 10.53 -0.86
N ARG A 148 0.18 9.58 -1.79
CA ARG A 148 -0.07 9.93 -3.18
C ARG A 148 -1.45 10.54 -3.35
N ASP A 149 -2.45 10.00 -2.65
CA ASP A 149 -3.79 10.59 -2.71
C ASP A 149 -3.75 12.04 -2.24
N ALA A 150 -2.93 12.33 -1.23
CA ALA A 150 -2.79 13.69 -0.70
C ALA A 150 -1.88 14.55 -1.56
N GLN A 151 -1.20 13.97 -2.55
CA GLN A 151 -0.33 14.70 -3.47
C GLN A 151 0.78 15.45 -2.74
N LEU A 152 1.39 14.81 -1.74
CA LEU A 152 2.37 15.52 -0.93
C LEU A 152 3.57 15.97 -1.77
N ILE A 153 4.09 15.10 -2.63
CA ILE A 153 5.19 15.51 -3.49
C ILE A 153 4.70 16.13 -4.78
N GLU A 154 3.58 15.63 -5.33
CA GLU A 154 3.12 16.12 -6.63
C GLU A 154 2.78 17.61 -6.59
N ASP A 155 2.18 18.06 -5.48
CA ASP A 155 1.61 19.41 -5.40
C ASP A 155 2.70 20.37 -4.94
N GLY A 156 3.55 20.77 -5.89
CA GLY A 156 4.65 21.65 -5.56
C GLY A 156 4.22 23.07 -5.25
N GLY A 157 3.05 23.47 -5.75
CA GLY A 157 2.56 24.81 -5.49
C GLY A 157 2.00 25.02 -4.10
N ARG A 158 1.77 23.94 -3.35
CA ARG A 158 1.28 24.06 -1.98
C ARG A 158 2.41 24.50 -1.05
N ASP A 159 2.10 25.46 -0.18
CA ASP A 159 3.10 25.95 0.74
C ASP A 159 3.56 24.83 1.66
N LEU A 160 4.86 24.81 1.93
CA LEU A 160 5.45 23.81 2.84
C LEU A 160 4.63 23.66 4.11
N THR A 161 4.27 24.79 4.74
CA THR A 161 3.53 24.75 5.99
C THR A 161 2.20 24.02 5.83
N ASP A 162 1.51 24.26 4.71
CA ASP A 162 0.20 23.63 4.51
C ASP A 162 0.36 22.15 4.16
N MET A 163 1.38 21.81 3.37
CA MET A 163 1.62 20.40 3.08
C MET A 163 1.87 19.62 4.36
N MET A 164 2.58 20.23 5.31
CA MET A 164 2.86 19.56 6.57
C MET A 164 1.59 19.29 7.37
N GLY A 165 0.62 20.20 7.30
CA GLY A 165 -0.65 19.94 7.97
C GLY A 165 -1.33 18.70 7.44
N VAL A 166 -1.28 18.48 6.12
CA VAL A 166 -1.87 17.29 5.54
C VAL A 166 -1.11 16.06 5.96
N LEU A 167 0.23 16.14 5.91
CA LEU A 167 1.06 14.99 6.30
C LEU A 167 0.84 14.61 7.75
N ALA A 168 0.71 15.60 8.63
CA ALA A 168 0.64 15.32 10.06
C ALA A 168 -0.57 14.47 10.44
N GLU A 169 -1.62 14.47 9.62
CA GLU A 169 -2.82 13.70 9.92
C GLU A 169 -2.69 12.24 9.53
N LEU A 170 -1.63 11.86 8.81
CA LEU A 170 -1.48 10.48 8.35
C LEU A 170 -0.69 9.65 9.36
N PRO A 171 -0.92 8.34 9.41
CA PRO A 171 -0.13 7.50 10.32
C PRO A 171 1.29 7.30 9.80
N LEU A 172 2.19 7.06 10.74
CA LEU A 172 3.52 6.53 10.50
C LEU A 172 3.43 5.04 10.17
N VAL A 173 4.52 4.47 9.66
CA VAL A 173 4.58 3.05 9.36
C VAL A 173 5.42 2.26 10.35
N PHE A 174 6.02 2.92 11.33
CA PHE A 174 6.60 2.24 12.49
C PHE A 174 6.73 3.23 13.63
N HIS A 175 6.99 2.72 14.81
CA HIS A 175 7.11 3.61 15.96
C HIS A 175 8.44 4.37 15.90
N PRO A 176 8.41 5.68 16.15
CA PRO A 176 9.64 6.48 15.99
C PRO A 176 10.83 5.88 16.71
N GLY A 177 11.96 5.82 16.01
CA GLY A 177 13.18 5.31 16.56
C GLY A 177 13.44 3.83 16.31
N THR A 178 12.46 3.07 15.85
CA THR A 178 12.58 1.61 15.87
C THR A 178 13.03 1.00 14.55
N GLN A 179 13.00 1.75 13.44
CA GLN A 179 13.36 1.24 12.13
C GLN A 179 13.90 2.39 11.30
N TRP A 180 14.41 2.03 10.11
CA TRP A 180 14.92 3.00 9.14
C TRP A 180 14.13 2.88 7.85
N LYS A 181 13.62 4.01 7.35
CA LYS A 181 12.98 4.03 6.04
C LYS A 181 13.17 5.42 5.43
N TYR A 182 13.80 5.47 4.27
CA TYR A 182 14.02 6.73 3.57
C TYR A 182 12.70 7.44 3.31
N SER A 183 12.65 8.74 3.56
CA SER A 183 11.35 9.34 3.82
C SER A 183 11.31 10.83 3.55
N ILE A 184 10.10 11.37 3.70
CA ILE A 184 9.74 12.78 3.64
C ILE A 184 10.20 13.52 4.90
N SER A 185 10.95 12.84 5.79
CA SER A 185 11.29 13.47 7.07
C SER A 185 12.20 14.69 6.94
N THR A 186 12.96 14.83 5.85
CA THR A 186 13.77 16.04 5.69
C THR A 186 12.88 17.24 5.39
N ASP A 187 11.75 17.01 4.72
CA ASP A 187 10.77 18.08 4.55
C ASP A 187 10.15 18.46 5.88
N VAL A 188 9.86 17.46 6.71
CA VAL A 188 9.40 17.77 8.06
C VAL A 188 10.45 18.59 8.80
N LEU A 189 11.73 18.24 8.62
CA LEU A 189 12.82 18.96 9.28
C LEU A 189 12.85 20.41 8.83
N ALA A 190 12.75 20.65 7.51
CA ALA A 190 12.72 22.03 7.03
C ALA A 190 11.58 22.81 7.67
N HIS A 191 10.41 22.19 7.76
CA HIS A 191 9.26 22.85 8.37
C HIS A 191 9.49 23.11 9.86
N ILE A 192 10.02 22.14 10.59
CA ILE A 192 10.28 22.34 12.01
C ILE A 192 11.33 23.42 12.22
N ILE A 193 12.32 23.51 11.33
CA ILE A 193 13.27 24.63 11.38
C ILE A 193 12.53 25.97 11.29
N GLU A 194 11.56 26.07 10.38
CA GLU A 194 10.80 27.31 10.28
C GLU A 194 10.04 27.60 11.57
N CYS A 195 9.43 26.56 12.16
CA CYS A 195 8.68 26.75 13.40
C CYS A 195 9.58 27.20 14.54
N ALA A 196 10.76 26.60 14.64
CA ALA A 196 11.66 26.88 15.74
C ALA A 196 12.30 28.25 15.63
N THR A 197 12.59 28.71 14.40
CA THR A 197 13.31 29.96 14.19
C THR A 197 12.41 31.14 13.89
N GLY A 198 11.17 30.89 13.45
CA GLY A 198 10.35 31.97 12.94
C GLY A 198 10.82 32.55 11.63
N GLU A 199 11.74 31.88 10.94
CA GLU A 199 12.23 32.30 9.65
C GLU A 199 11.94 31.22 8.61
N ARG A 200 12.01 31.60 7.33
CA ARG A 200 11.79 30.64 6.25
C ARG A 200 13.07 29.87 5.94
N VAL A 201 12.90 28.61 5.53
CA VAL A 201 14.09 27.76 5.33
C VAL A 201 14.93 28.28 4.18
N ASP A 202 14.31 28.85 3.15
CA ASP A 202 15.11 29.36 2.03
C ASP A 202 15.94 30.57 2.45
N ASP A 203 15.37 31.44 3.30
CA ASP A 203 16.15 32.59 3.80
C ASP A 203 17.28 32.14 4.70
N LEU A 204 17.02 31.14 5.56
CA LEU A 204 18.08 30.60 6.41
C LEU A 204 19.21 29.98 5.59
N LEU A 205 18.87 29.18 4.58
CA LEU A 205 19.90 28.58 3.75
C LEU A 205 20.73 29.65 3.07
N GLN A 206 20.06 30.68 2.54
CA GLN A 206 20.78 31.77 1.87
C GLN A 206 21.78 32.43 2.80
N ARG A 207 21.33 32.80 4.01
CA ARG A 207 22.17 33.58 4.92
C ARG A 207 23.29 32.73 5.52
N LEU A 208 22.97 31.50 5.92
CA LEU A 208 23.89 30.72 6.73
C LEU A 208 24.84 29.86 5.90
N ILE A 209 24.46 29.46 4.68
CA ILE A 209 25.27 28.53 3.90
C ILE A 209 25.63 29.10 2.53
N PHE A 210 24.63 29.48 1.74
CA PHE A 210 24.90 29.83 0.34
C PHE A 210 25.75 31.09 0.23
N ASP A 211 25.36 32.15 0.94
CA ASP A 211 26.14 33.38 0.83
C ASP A 211 27.57 33.19 1.34
N PRO A 212 27.82 32.59 2.50
CA PRO A 212 29.22 32.39 2.93
C PRO A 212 30.04 31.55 1.97
N LEU A 213 29.42 30.60 1.26
CA LEU A 213 30.15 29.73 0.34
C LEU A 213 30.13 30.26 -1.08
N ASP A 214 29.55 31.44 -1.31
CA ASP A 214 29.44 32.04 -2.64
C ASP A 214 28.70 31.13 -3.62
N MET A 215 27.65 30.44 -3.13
CA MET A 215 26.84 29.59 -3.99
C MET A 215 25.70 30.42 -4.58
N GLN A 216 26.06 31.28 -5.55
CA GLN A 216 25.12 32.28 -6.04
C GLN A 216 24.03 31.71 -6.91
N ASP A 217 24.21 30.48 -7.42
CA ASP A 217 23.25 29.87 -8.32
C ASP A 217 22.41 28.79 -7.65
N THR A 218 22.40 28.71 -6.32
CA THR A 218 21.68 27.66 -5.61
C THR A 218 20.45 28.25 -4.91
N GLY A 219 19.31 27.61 -5.10
CA GLY A 219 18.08 28.10 -4.51
C GLY A 219 16.90 27.30 -5.06
N PHE A 220 15.72 27.63 -4.53
CA PHE A 220 14.48 26.96 -4.92
C PHE A 220 13.82 27.57 -6.14
N SER A 221 14.39 28.64 -6.70
CA SER A 221 13.91 29.22 -7.94
C SER A 221 15.11 29.55 -8.81
N LEU A 222 14.86 29.76 -10.09
CA LEU A 222 15.95 30.07 -11.01
C LEU A 222 16.40 31.52 -10.84
N PRO A 223 17.70 31.78 -11.03
CA PRO A 223 18.17 33.16 -11.15
C PRO A 223 17.49 33.83 -12.33
N LEU A 224 17.56 35.17 -12.35
CA LEU A 224 16.90 35.93 -13.40
C LEU A 224 17.40 35.54 -14.80
N ASP A 225 18.69 35.22 -14.92
CA ASP A 225 19.26 34.75 -16.17
C ASP A 225 19.37 33.23 -16.23
N GLY A 226 18.56 32.53 -15.44
CA GLY A 226 18.75 31.09 -15.30
C GLY A 226 18.06 30.22 -16.35
N ALA A 227 17.04 30.75 -17.02
CA ALA A 227 16.23 29.91 -17.90
C ALA A 227 17.06 29.27 -19.00
N SER A 228 17.97 30.04 -19.61
CA SER A 228 18.79 29.50 -20.69
C SER A 228 19.88 28.56 -20.20
N ARG A 229 20.06 28.45 -18.89
CA ARG A 229 21.10 27.60 -18.33
C ARG A 229 20.57 26.31 -17.74
N LEU A 230 19.25 26.17 -17.68
CA LEU A 230 18.63 25.01 -17.04
C LEU A 230 18.74 23.79 -17.94
N MET A 231 19.33 22.72 -17.43
CA MET A 231 19.49 21.49 -18.20
C MET A 231 18.14 20.80 -18.36
N GLU A 232 17.91 20.22 -19.53
CA GLU A 232 16.69 19.45 -19.74
C GLU A 232 16.75 18.17 -18.92
N VAL A 233 15.60 17.73 -18.42
CA VAL A 233 15.51 16.52 -17.61
C VAL A 233 14.76 15.45 -18.39
N TYR A 234 15.30 14.24 -18.38
CA TYR A 234 14.78 13.13 -19.17
C TYR A 234 14.33 12.00 -18.27
N GLY A 235 13.58 11.07 -18.85
CA GLY A 235 13.25 9.85 -18.15
C GLY A 235 11.77 9.59 -18.09
N MET A 236 11.39 8.33 -17.87
CA MET A 236 9.99 7.94 -17.87
C MET A 236 9.43 7.70 -16.47
N ARG A 237 10.28 7.64 -15.45
CA ARG A 237 9.79 7.53 -14.08
C ARG A 237 8.87 8.71 -13.78
N SER A 238 7.62 8.42 -13.45
CA SER A 238 6.60 9.46 -13.31
C SER A 238 6.20 9.63 -11.86
N LEU A 239 6.00 10.89 -11.45
CA LEU A 239 5.43 11.21 -10.15
C LEU A 239 3.94 10.97 -10.09
N ALA A 240 3.25 10.99 -11.24
CA ALA A 240 1.80 10.92 -11.24
C ALA A 240 1.30 9.62 -10.62
N GLY A 241 1.34 8.53 -11.39
CA GLY A 241 0.67 7.31 -10.99
C GLY A 241 1.36 6.52 -9.90
N LEU A 242 1.05 5.23 -9.87
CA LEU A 242 1.59 4.35 -8.85
C LEU A 242 3.07 4.08 -9.09
N PRO A 243 3.81 3.76 -8.04
CA PRO A 243 5.18 3.24 -8.22
C PRO A 243 5.15 1.99 -9.09
N ALA A 244 6.08 1.92 -10.05
CA ALA A 244 6.09 0.84 -11.01
C ALA A 244 6.61 -0.45 -10.40
N LEU A 245 6.03 -1.57 -10.84
CA LEU A 245 6.46 -2.89 -10.38
C LEU A 245 7.74 -3.36 -11.07
N LYS A 246 8.09 -2.77 -12.21
CA LYS A 246 9.39 -3.00 -12.83
C LYS A 246 9.82 -1.69 -13.49
N PRO A 247 11.13 -1.45 -13.59
CA PRO A 247 11.61 -0.14 -14.05
C PRO A 247 11.15 0.15 -15.47
N ALA A 248 10.75 1.40 -15.71
CA ALA A 248 10.43 1.83 -17.06
C ALA A 248 11.68 1.81 -17.92
N PRO A 249 11.54 1.61 -19.23
CA PRO A 249 12.71 1.60 -20.11
C PRO A 249 13.53 2.88 -19.94
N HIS A 250 14.84 2.71 -19.98
CA HIS A 250 15.76 3.84 -19.85
C HIS A 250 15.92 4.47 -21.23
N VAL A 251 15.12 5.50 -21.49
CA VAL A 251 15.07 6.16 -22.80
C VAL A 251 15.09 7.66 -22.60
N LEU A 252 15.79 8.38 -23.49
CA LEU A 252 15.92 9.83 -23.38
C LEU A 252 14.71 10.49 -24.00
N VAL A 253 13.65 10.61 -23.19
CA VAL A 253 12.46 11.37 -23.54
C VAL A 253 12.30 12.42 -22.45
N PRO A 254 11.99 13.68 -22.79
CA PRO A 254 11.85 14.70 -21.74
C PRO A 254 10.82 14.29 -20.71
N ALA A 255 11.13 14.58 -19.44
CA ALA A 255 10.27 14.22 -18.31
C ALA A 255 9.24 15.30 -18.06
N ASP A 256 8.03 14.87 -17.68
CA ASP A 256 6.95 15.79 -17.31
C ASP A 256 6.94 15.91 -15.80
N LEU A 257 7.34 17.07 -15.29
CA LEU A 257 7.37 17.29 -13.85
C LEU A 257 6.04 17.82 -13.31
N GLY A 258 5.04 18.00 -14.16
CA GLY A 258 3.79 18.56 -13.67
C GLY A 258 4.01 19.86 -12.93
N SER A 259 3.39 20.01 -11.76
CA SER A 259 3.58 21.18 -10.93
C SER A 259 4.46 20.89 -9.72
N SER A 260 5.28 19.84 -9.80
CA SER A 260 6.05 19.39 -8.65
C SER A 260 7.32 20.20 -8.40
N HIS A 261 7.83 20.91 -9.40
CA HIS A 261 9.17 21.49 -9.32
C HIS A 261 9.19 22.83 -10.05
N PRO A 262 8.46 23.82 -9.54
CA PRO A 262 8.37 25.11 -10.25
C PRO A 262 9.72 25.80 -10.39
N THR A 263 9.86 26.60 -11.45
CA THR A 263 11.09 27.33 -11.67
C THR A 263 11.07 28.75 -11.12
N ASP A 264 9.90 29.35 -10.95
CA ASP A 264 9.85 30.75 -10.53
C ASP A 264 8.70 30.99 -9.55
N ASP A 265 8.57 30.10 -8.56
CA ASP A 265 7.62 30.27 -7.48
C ASP A 265 8.37 30.82 -6.27
N PRO A 266 8.16 32.06 -5.86
CA PRO A 266 8.98 32.65 -4.79
C PRO A 266 8.71 32.04 -3.43
N ASP A 267 7.69 31.21 -3.27
CA ASP A 267 7.37 30.59 -2.00
C ASP A 267 7.69 29.10 -1.99
N PHE A 268 8.10 28.54 -3.11
CA PHE A 268 8.44 27.11 -3.16
C PHE A 268 9.69 26.85 -2.32
N ARG A 269 9.56 25.95 -1.34
CA ARG A 269 10.69 25.55 -0.52
C ARG A 269 10.35 24.20 0.09
N ARG A 270 11.35 23.34 0.20
CA ARG A 270 11.20 21.97 0.69
C ARG A 270 12.47 21.60 1.43
N GLY A 271 12.44 20.44 2.08
CA GLY A 271 13.63 19.94 2.75
C GLY A 271 14.31 18.78 2.04
N GLY A 272 13.54 18.00 1.28
CA GLY A 272 14.06 16.77 0.71
C GLY A 272 14.38 16.84 -0.77
N HIS A 273 13.98 17.94 -1.40
CA HIS A 273 14.18 18.13 -2.84
C HIS A 273 13.88 19.60 -3.14
N GLY A 274 14.07 19.98 -4.41
CA GLY A 274 13.59 21.27 -4.88
C GLY A 274 14.66 22.30 -5.17
N LEU A 275 15.89 22.12 -4.68
CA LEU A 275 16.94 23.07 -5.00
C LEU A 275 17.40 22.90 -6.44
N TYR A 276 17.68 24.04 -7.08
CA TYR A 276 18.50 24.12 -8.28
C TYR A 276 19.93 24.45 -7.85
N SER A 277 20.91 23.87 -8.52
CA SER A 277 22.29 24.21 -8.23
C SER A 277 23.13 24.03 -9.49
N THR A 278 24.43 24.26 -9.34
CA THR A 278 25.40 24.07 -10.40
C THR A 278 26.51 23.16 -9.88
N LEU A 279 27.30 22.63 -10.81
CA LEU A 279 28.45 21.83 -10.40
C LEU A 279 29.37 22.63 -9.48
N ASP A 280 29.71 23.86 -9.87
CA ASP A 280 30.62 24.67 -9.07
C ASP A 280 30.05 24.95 -7.68
N ASP A 281 28.76 25.28 -7.60
CA ASP A 281 28.14 25.57 -6.31
C ASP A 281 28.15 24.33 -5.41
N TYR A 282 27.81 23.17 -5.95
CA TYR A 282 27.73 22.00 -5.07
C TYR A 282 29.12 21.57 -4.64
N MET A 283 30.13 21.74 -5.50
CA MET A 283 31.50 21.45 -5.08
C MET A 283 31.95 22.37 -3.96
N ALA A 284 31.49 23.63 -3.94
CA ALA A 284 31.81 24.51 -2.81
C ALA A 284 31.25 23.93 -1.52
N PHE A 285 30.03 23.41 -1.57
CA PHE A 285 29.42 22.80 -0.39
C PHE A 285 30.17 21.54 0.01
N ALA A 286 30.45 20.66 -0.97
CA ALA A 286 31.16 19.42 -0.65
C ALA A 286 32.54 19.69 -0.07
N ASN A 287 33.29 20.63 -0.66
CA ASN A 287 34.61 20.93 -0.12
C ASN A 287 34.51 21.45 1.31
N MET A 288 33.46 22.22 1.61
CA MET A 288 33.29 22.74 2.97
C MET A 288 33.16 21.61 3.99
N LEU A 289 32.51 20.50 3.59
CA LEU A 289 32.29 19.38 4.50
C LEU A 289 33.58 18.67 4.92
N LEU A 290 34.71 18.95 4.26
CA LEU A 290 35.98 18.41 4.73
C LEU A 290 36.47 19.10 6.00
N SER A 291 35.95 20.27 6.32
CA SER A 291 36.47 21.07 7.43
C SER A 291 35.42 21.77 8.26
N GLY A 292 34.23 22.04 7.72
CA GLY A 292 33.27 22.91 8.36
C GLY A 292 33.53 24.38 8.15
N GLN A 293 34.50 24.74 7.30
CA GLN A 293 34.91 26.12 7.08
C GLN A 293 34.72 26.54 5.62
N THR A 294 34.60 27.85 5.41
CA THR A 294 34.70 28.42 4.07
C THR A 294 36.15 28.38 3.62
N PRO A 295 36.41 28.58 2.33
CA PRO A 295 37.80 28.63 1.87
C PRO A 295 38.60 29.72 2.56
N GLU A 296 37.93 30.79 2.98
CA GLU A 296 38.59 31.89 3.67
C GLU A 296 38.88 31.58 5.14
N GLY A 297 38.32 30.49 5.67
CA GLY A 297 38.55 30.11 7.05
C GLY A 297 37.44 30.42 8.01
N GLU A 298 36.33 30.99 7.55
CA GLU A 298 35.18 31.23 8.41
C GLU A 298 34.53 29.91 8.77
N THR A 299 34.22 29.73 10.06
CA THR A 299 33.64 28.48 10.53
C THR A 299 32.13 28.52 10.36
N LEU A 300 31.58 27.55 9.60
CA LEU A 300 30.13 27.39 9.54
C LEU A 300 29.62 26.40 10.58
N LEU A 301 30.41 25.36 10.85
CA LEU A 301 30.05 24.36 11.85
C LEU A 301 31.32 23.94 12.55
N SER A 302 31.29 23.86 13.89
CA SER A 302 32.49 23.54 14.63
C SER A 302 32.99 22.13 14.31
N PRO A 303 34.28 21.87 14.51
CA PRO A 303 34.77 20.51 14.31
C PRO A 303 34.03 19.48 15.15
N ALA A 304 33.66 19.82 16.38
CA ALA A 304 32.99 18.84 17.24
C ALA A 304 31.63 18.46 16.69
N VAL A 305 30.86 19.45 16.21
CA VAL A 305 29.52 19.12 15.75
C VAL A 305 29.58 18.51 14.36
N LEU A 306 30.57 18.90 13.54
CA LEU A 306 30.75 18.20 12.27
C LEU A 306 31.06 16.73 12.50
N LYS A 307 31.91 16.42 13.49
CA LYS A 307 32.18 15.02 13.82
C LYS A 307 30.91 14.31 14.27
N LEU A 308 30.12 14.97 15.12
CA LEU A 308 28.84 14.41 15.55
C LEU A 308 27.95 14.11 14.35
N ALA A 309 27.96 15.00 13.35
CA ALA A 309 27.11 14.85 12.18
C ALA A 309 27.60 13.74 11.25
N LEU A 310 28.89 13.49 11.19
CA LEU A 310 29.43 12.53 10.22
C LEU A 310 29.58 11.13 10.80
N ALA A 311 29.56 10.98 12.12
CA ALA A 311 29.79 9.68 12.72
C ALA A 311 28.68 8.70 12.31
N PRO A 312 29.01 7.45 12.01
CA PRO A 312 27.96 6.48 11.67
C PRO A 312 26.96 6.34 12.80
N ARG A 313 25.68 6.47 12.46
CA ARG A 313 24.62 6.60 13.46
C ARG A 313 23.53 5.54 13.32
N VAL A 314 23.24 5.09 12.11
CA VAL A 314 22.33 3.98 11.87
C VAL A 314 23.11 2.87 11.21
N HIS A 315 23.06 1.69 11.80
CA HIS A 315 23.74 0.52 11.26
C HIS A 315 22.69 -0.47 10.78
N PHE A 316 23.04 -1.22 9.74
CA PHE A 316 22.04 -2.04 9.06
C PHE A 316 22.37 -3.52 9.17
N GLY A 317 21.32 -4.33 9.08
CA GLY A 317 21.43 -5.76 9.18
C GLY A 317 21.97 -6.39 7.91
N ALA A 318 21.65 -7.68 7.74
CA ALA A 318 22.20 -8.42 6.62
C ALA A 318 21.75 -7.82 5.29
N ARG A 319 20.47 -7.46 5.17
CA ARG A 319 19.99 -6.84 3.94
C ARG A 319 20.66 -5.51 3.68
N GLY A 320 21.25 -4.89 4.70
CA GLY A 320 21.92 -3.61 4.52
C GLY A 320 20.94 -2.47 4.34
N MET A 321 21.51 -1.31 4.05
CA MET A 321 20.72 -0.12 3.73
C MET A 321 20.06 -0.30 2.37
N ARG A 322 18.75 -0.09 2.29
CA ARG A 322 18.04 -0.21 1.01
C ARG A 322 16.99 0.87 0.87
N ILE A 323 16.81 1.35 -0.36
CA ILE A 323 15.76 2.31 -0.71
C ILE A 323 15.02 1.74 -1.90
N ASN A 324 13.71 1.47 -1.73
CA ASN A 324 12.93 0.71 -2.70
C ASN A 324 13.68 -0.55 -3.14
N ASP A 325 14.30 -1.21 -2.16
CA ASP A 325 15.03 -2.47 -2.31
C ASP A 325 16.32 -2.34 -3.09
N GLU A 326 16.76 -1.13 -3.43
CA GLU A 326 18.08 -0.98 -4.03
C GLU A 326 19.13 -0.87 -2.94
N PRO A 327 20.25 -1.59 -3.03
CA PRO A 327 21.23 -1.61 -1.95
C PRO A 327 22.23 -0.46 -2.00
N PHE A 328 22.72 -0.11 -0.83
CA PHE A 328 23.84 0.79 -0.64
C PHE A 328 24.86 0.00 0.15
N ALA A 329 25.62 -0.83 -0.57
CA ALA A 329 26.42 -1.88 0.05
C ALA A 329 27.59 -1.29 0.83
N GLY A 330 27.71 -1.68 2.09
CA GLY A 330 28.78 -1.19 2.94
C GLY A 330 28.55 0.18 3.55
N TYR A 331 27.41 0.81 3.26
CA TYR A 331 27.10 2.13 3.79
C TYR A 331 26.26 2.05 5.05
N SER A 332 26.57 2.92 6.00
CA SER A 332 25.72 3.26 7.14
C SER A 332 25.16 4.65 6.90
N TRP A 333 24.36 5.12 7.85
CA TRP A 333 23.73 6.44 7.74
C TRP A 333 24.25 7.34 8.85
N ASN A 334 24.62 8.58 8.51
CA ASN A 334 24.93 9.59 9.51
C ASN A 334 23.90 10.72 9.37
N LEU A 335 24.11 11.83 10.09
CA LEU A 335 23.07 12.86 10.11
C LEU A 335 22.92 13.60 8.78
N LEU A 336 23.85 13.39 7.84
CA LEU A 336 23.80 14.07 6.54
C LEU A 336 23.53 13.16 5.34
N GLY A 337 23.62 11.84 5.49
CA GLY A 337 23.51 10.96 4.33
C GLY A 337 24.28 9.66 4.56
N ARG A 338 24.80 9.09 3.47
CA ARG A 338 25.48 7.80 3.57
C ARG A 338 26.91 7.98 4.07
N VAL A 339 27.46 6.93 4.67
CA VAL A 339 28.88 6.94 5.05
C VAL A 339 29.42 5.52 4.97
N MET A 340 30.55 5.35 4.29
CA MET A 340 31.12 4.03 4.04
C MET A 340 31.74 3.48 5.32
N THR A 341 31.22 2.34 5.81
CA THR A 341 31.72 1.75 7.05
C THR A 341 32.33 0.37 6.85
N ASP A 342 32.31 -0.20 5.65
CA ASP A 342 32.99 -1.49 5.44
C ASP A 342 33.38 -1.61 3.96
N VAL A 343 34.64 -1.30 3.66
CA VAL A 343 35.09 -1.37 2.27
C VAL A 343 34.97 -2.79 1.74
N GLY A 344 35.09 -3.79 2.62
CA GLY A 344 34.95 -5.18 2.20
C GLY A 344 33.53 -5.60 1.88
N ALA A 345 32.54 -4.75 2.18
CA ALA A 345 31.18 -4.96 1.74
C ALA A 345 30.80 -4.07 0.57
N ALA A 346 31.65 -3.11 0.19
CA ALA A 346 31.30 -2.11 -0.79
C ALA A 346 31.21 -2.72 -2.18
N ALA A 347 30.36 -2.14 -3.02
CA ALA A 347 30.14 -2.65 -4.37
C ALA A 347 30.90 -1.85 -5.42
N TYR A 348 31.58 -0.78 -5.01
CA TYR A 348 32.39 0.02 -5.93
C TYR A 348 33.43 0.77 -5.13
N ALA A 349 34.49 1.19 -5.82
CA ALA A 349 35.66 1.73 -5.15
C ALA A 349 35.31 2.90 -4.25
N THR A 350 35.92 2.91 -3.08
CA THR A 350 35.62 3.85 -2.00
C THR A 350 36.72 3.70 -0.95
N HIS A 351 36.63 4.52 0.09
CA HIS A 351 37.47 4.37 1.27
C HIS A 351 36.63 4.52 2.52
N LEU A 352 37.11 3.93 3.60
CA LEU A 352 36.43 4.07 4.88
C LEU A 352 36.17 5.54 5.19
N GLY A 353 34.92 5.89 5.46
CA GLY A 353 34.56 7.25 5.84
C GLY A 353 34.08 8.11 4.70
N GLU A 354 34.15 7.61 3.47
CA GLU A 354 33.56 8.33 2.34
C GLU A 354 32.08 8.56 2.60
N PHE A 355 31.61 9.77 2.34
CA PHE A 355 30.21 10.09 2.63
C PHE A 355 29.64 11.00 1.56
N GLY A 356 28.32 11.12 1.55
CA GLY A 356 27.65 12.00 0.61
C GLY A 356 26.24 11.52 0.35
N TRP A 357 25.66 11.98 -0.75
CA TRP A 357 24.33 11.51 -1.12
C TRP A 357 24.13 11.72 -2.62
N SER A 358 22.88 11.75 -3.05
CA SER A 358 22.55 11.71 -4.48
C SER A 358 21.09 12.14 -4.64
N GLY A 359 20.66 12.30 -5.89
CA GLY A 359 19.31 12.76 -6.15
C GLY A 359 18.63 11.97 -7.25
N ALA A 360 17.31 12.16 -7.32
CA ALA A 360 16.45 11.36 -8.19
C ALA A 360 16.80 11.51 -9.66
N ALA A 361 17.37 12.65 -10.06
CA ALA A 361 17.73 12.86 -11.45
C ALA A 361 19.17 12.44 -11.75
N ALA A 362 19.74 11.57 -10.91
CA ALA A 362 21.02 10.89 -11.08
C ALA A 362 22.22 11.78 -10.73
N THR A 363 22.02 12.95 -10.14
CA THR A 363 23.14 13.69 -9.58
C THR A 363 23.72 12.94 -8.38
N TYR A 364 25.02 13.11 -8.17
CA TYR A 364 25.72 12.32 -7.17
C TYR A 364 26.95 13.09 -6.67
N PHE A 365 27.25 13.00 -5.38
CA PHE A 365 28.50 13.58 -4.91
C PHE A 365 29.08 12.72 -3.79
N TRP A 366 30.37 12.91 -3.55
CA TRP A 366 31.03 12.23 -2.45
C TRP A 366 32.10 13.11 -1.85
N VAL A 367 32.41 12.84 -0.59
CA VAL A 367 33.51 13.44 0.14
C VAL A 367 34.34 12.28 0.70
N ASP A 368 35.64 12.29 0.44
CA ASP A 368 36.53 11.21 0.88
C ASP A 368 37.60 11.80 1.77
N PRO A 369 37.41 11.79 3.08
CA PRO A 369 38.36 12.45 3.98
C PRO A 369 39.75 11.85 3.94
N THR A 370 39.88 10.55 3.68
CA THR A 370 41.21 9.96 3.67
C THR A 370 42.07 10.48 2.52
N LYS A 371 41.45 11.02 1.47
CA LYS A 371 42.16 11.57 0.33
C LYS A 371 41.97 13.07 0.19
N ASN A 372 41.33 13.71 1.17
CA ASN A 372 41.00 15.14 1.09
C ASN A 372 40.35 15.47 -0.25
N MET A 373 39.43 14.60 -0.66
CA MET A 373 38.89 14.55 -2.01
C MET A 373 37.40 14.78 -1.98
N THR A 374 36.89 15.52 -2.98
CA THR A 374 35.47 15.65 -3.20
C THR A 374 35.18 15.39 -4.68
N GLY A 375 33.97 14.97 -4.98
CA GLY A 375 33.60 14.73 -6.37
C GLY A 375 32.12 14.93 -6.54
N CYS A 376 31.74 15.39 -7.73
CA CYS A 376 30.33 15.59 -8.04
C CYS A 376 30.10 15.31 -9.52
N VAL A 377 29.03 14.58 -9.81
CA VAL A 377 28.59 14.35 -11.18
C VAL A 377 27.18 14.92 -11.32
N MET A 378 26.99 15.78 -12.32
CA MET A 378 25.71 16.42 -12.57
C MET A 378 25.16 15.94 -13.90
N THR A 379 23.91 15.47 -13.90
CA THR A 379 23.17 15.07 -15.08
C THR A 379 21.69 15.18 -14.72
N GLN A 380 20.80 14.92 -15.68
CA GLN A 380 19.35 15.00 -15.41
C GLN A 380 18.64 13.81 -16.05
N PHE A 381 18.46 12.74 -15.28
CA PHE A 381 17.71 11.58 -15.77
C PHE A 381 16.96 10.96 -14.60
N LEU A 382 15.64 10.90 -14.71
CA LEU A 382 14.80 10.33 -13.66
C LEU A 382 14.53 8.86 -13.97
N GLY A 383 14.70 8.00 -12.96
CA GLY A 383 14.49 6.58 -13.15
C GLY A 383 15.62 5.88 -13.87
N SER A 384 16.86 6.31 -13.67
CA SER A 384 17.98 5.71 -14.37
C SER A 384 18.12 4.24 -14.04
N GLN A 385 18.36 3.44 -15.06
CA GLN A 385 18.74 2.04 -14.89
C GLN A 385 20.25 1.83 -14.86
N HIS A 386 21.03 2.91 -14.81
CA HIS A 386 22.48 2.84 -14.82
C HIS A 386 23.01 3.71 -13.69
N PRO A 387 23.88 3.18 -12.85
CA PRO A 387 24.39 3.90 -11.67
C PRO A 387 25.53 4.83 -12.03
N ILE A 388 25.21 5.90 -12.76
CA ILE A 388 26.26 6.76 -13.29
C ILE A 388 27.07 7.38 -12.16
N GLY A 389 26.41 7.81 -11.09
CA GLY A 389 27.14 8.41 -9.99
C GLY A 389 28.22 7.51 -9.44
N SER A 390 27.86 6.26 -9.11
CA SER A 390 28.84 5.34 -8.56
C SER A 390 29.90 4.96 -9.59
N ASP A 391 29.52 4.87 -10.87
CA ASP A 391 30.52 4.57 -11.91
C ASP A 391 31.57 5.68 -11.98
N MET A 392 31.13 6.93 -11.82
CA MET A 392 32.07 8.04 -11.88
C MET A 392 32.92 8.13 -10.61
N GLN A 393 32.33 7.90 -9.44
CA GLN A 393 33.14 7.80 -8.24
C GLN A 393 34.20 6.72 -8.40
N ALA A 394 33.80 5.54 -8.89
CA ALA A 394 34.76 4.45 -9.05
C ALA A 394 35.88 4.84 -10.00
N ALA A 395 35.53 5.48 -11.12
CA ALA A 395 36.56 5.94 -12.06
C ALA A 395 37.52 6.92 -11.41
N ALA A 396 36.99 7.90 -10.67
CA ALA A 396 37.84 8.87 -9.99
C ALA A 396 38.74 8.21 -8.95
N MET A 397 38.18 7.30 -8.14
CA MET A 397 39.02 6.60 -7.16
C MET A 397 40.16 5.86 -7.85
N SER A 398 39.89 5.25 -8.99
CA SER A 398 40.89 4.46 -9.71
C SER A 398 41.94 5.35 -10.36
N MET A 399 41.66 6.62 -10.56
CA MET A 399 42.64 7.52 -11.17
C MET A 399 43.56 8.16 -10.16
N LEU A 400 43.32 7.98 -8.87
CA LEU A 400 44.31 8.32 -7.85
C LEU A 400 45.36 7.21 -7.77
N MET B 13 -35.55 -16.53 27.72
CA MET B 13 -36.65 -17.15 26.98
C MET B 13 -37.57 -16.19 26.22
N PRO B 14 -37.44 -14.87 26.42
CA PRO B 14 -38.17 -13.94 25.53
C PRO B 14 -37.53 -13.93 24.16
N ASP B 15 -38.20 -13.25 23.23
CA ASP B 15 -37.77 -13.23 21.84
C ASP B 15 -36.69 -12.16 21.68
N LEU B 16 -35.45 -12.55 21.97
CA LEU B 16 -34.33 -11.63 21.89
C LEU B 16 -34.03 -11.25 20.45
N LEU B 17 -34.36 -12.12 19.50
CA LEU B 17 -34.11 -11.83 18.08
C LEU B 17 -34.93 -10.63 17.63
N THR B 18 -36.24 -10.66 17.91
CA THR B 18 -37.07 -9.51 17.56
C THR B 18 -36.60 -8.25 18.28
N ASN B 19 -36.14 -8.39 19.53
CA ASN B 19 -35.68 -7.23 20.27
C ASN B 19 -34.45 -6.60 19.60
N VAL B 20 -33.46 -7.42 19.26
CA VAL B 20 -32.27 -6.91 18.59
C VAL B 20 -32.66 -6.17 17.30
N ALA B 21 -33.47 -6.81 16.47
CA ALA B 21 -33.78 -6.25 15.17
C ALA B 21 -34.61 -4.97 15.30
N GLU B 22 -35.64 -4.99 16.14
CA GLU B 22 -36.46 -3.79 16.29
C GLU B 22 -35.66 -2.63 16.86
N ASN B 23 -34.76 -2.90 17.80
CA ASN B 23 -33.94 -1.83 18.34
C ASN B 23 -33.05 -1.21 17.26
N TYR B 24 -32.48 -2.06 16.40
CA TYR B 24 -31.64 -1.54 15.33
C TYR B 24 -32.43 -0.66 14.38
N VAL B 25 -33.66 -1.07 14.04
CA VAL B 25 -34.52 -0.28 13.17
C VAL B 25 -34.97 1.00 13.88
N ASN B 26 -35.34 0.89 15.16
CA ASN B 26 -35.83 2.05 15.88
C ASN B 26 -34.74 3.08 16.12
N GLN B 27 -33.48 2.65 16.19
CA GLN B 27 -32.35 3.56 16.36
C GLN B 27 -31.82 4.10 15.03
N ASP B 28 -32.52 3.85 13.93
CA ASP B 28 -32.15 4.37 12.60
C ASP B 28 -30.80 3.86 12.15
N LEU B 29 -30.44 2.64 12.55
CA LEU B 29 -29.17 2.04 12.15
C LEU B 29 -29.28 1.10 10.96
N PHE B 30 -30.43 0.48 10.74
CA PHE B 30 -30.68 -0.36 9.58
C PHE B 30 -32.09 -0.07 9.07
N ALA B 31 -32.26 -0.07 7.74
CA ALA B 31 -33.56 0.23 7.18
C ALA B 31 -34.54 -0.91 7.38
N GLY B 32 -34.14 -2.13 7.04
CA GLY B 32 -35.01 -3.29 7.14
C GLY B 32 -34.19 -4.53 7.37
N ILE B 33 -34.76 -5.45 8.14
CA ILE B 33 -34.05 -6.66 8.59
C ILE B 33 -35.02 -7.83 8.50
N GLU B 34 -34.56 -8.94 7.94
CA GLU B 34 -35.29 -10.20 7.99
C GLU B 34 -34.39 -11.27 8.59
N TRP B 35 -35.00 -12.22 9.32
CA TRP B 35 -34.21 -13.32 9.88
C TRP B 35 -35.06 -14.58 9.96
N ARG B 36 -34.37 -15.73 9.92
CA ARG B 36 -35.01 -16.99 10.15
C ARG B 36 -34.01 -17.93 10.82
N ILE B 37 -34.51 -18.66 11.82
CA ILE B 37 -33.77 -19.73 12.50
C ILE B 37 -34.52 -21.02 12.24
N ASP B 38 -33.81 -22.03 11.71
CA ASP B 38 -34.39 -23.34 11.51
C ASP B 38 -33.72 -24.35 12.44
N GLN B 39 -34.49 -25.36 12.85
CA GLN B 39 -33.94 -26.47 13.59
C GLN B 39 -34.54 -27.74 13.01
N ASP B 40 -33.69 -28.72 12.73
CA ASP B 40 -34.13 -29.96 12.09
C ASP B 40 -34.84 -29.67 10.77
N GLY B 41 -34.40 -28.62 10.08
CA GLY B 41 -34.87 -28.30 8.75
C GLY B 41 -36.17 -27.52 8.70
N LYS B 42 -36.73 -27.13 9.85
CA LYS B 42 -38.00 -26.44 9.91
C LYS B 42 -37.85 -25.13 10.67
N PRO B 43 -38.52 -24.07 10.24
CA PRO B 43 -38.38 -22.78 10.94
C PRO B 43 -38.86 -22.89 12.38
N ILE B 44 -38.09 -22.28 13.28
CA ILE B 44 -38.46 -22.22 14.70
C ILE B 44 -38.61 -20.77 15.16
N PHE B 45 -37.81 -19.84 14.61
CA PHE B 45 -37.97 -18.41 14.86
C PHE B 45 -37.84 -17.64 13.56
N GLN B 46 -38.64 -16.60 13.38
CA GLN B 46 -38.51 -15.80 12.16
C GLN B 46 -39.12 -14.44 12.40
N GLY B 47 -38.68 -13.47 11.61
CA GLY B 47 -39.29 -12.16 11.75
C GLY B 47 -38.78 -11.19 10.70
N CYS B 48 -39.33 -9.99 10.79
CA CYS B 48 -38.84 -8.90 9.97
C CYS B 48 -39.08 -7.61 10.74
N ALA B 49 -38.28 -6.60 10.46
CA ALA B 49 -38.39 -5.31 11.13
C ALA B 49 -38.02 -4.23 10.12
N GLY B 50 -38.71 -3.10 10.21
CA GLY B 50 -38.36 -1.99 9.34
C GLY B 50 -39.01 -2.02 7.98
N VAL B 51 -38.31 -1.52 6.97
CA VAL B 51 -38.88 -1.27 5.65
C VAL B 51 -37.87 -1.61 4.57
N LYS B 52 -38.37 -1.63 3.33
CA LYS B 52 -37.50 -1.84 2.16
C LYS B 52 -36.56 -0.66 1.94
N ASP B 53 -37.06 0.56 2.09
CA ASP B 53 -36.27 1.75 1.91
C ASP B 53 -36.86 2.85 2.77
N ILE B 54 -36.01 3.65 3.40
CA ILE B 54 -36.54 4.68 4.30
C ILE B 54 -37.04 5.89 3.54
N GLU B 55 -36.69 6.00 2.26
CA GLU B 55 -37.10 7.17 1.47
C GLU B 55 -38.61 7.19 1.25
N THR B 56 -39.20 6.05 0.90
CA THR B 56 -40.64 5.92 0.75
C THR B 56 -41.29 5.10 1.86
N ARG B 57 -40.50 4.37 2.66
CA ARG B 57 -41.01 3.49 3.70
C ARG B 57 -41.96 2.43 3.14
N THR B 58 -41.69 1.99 1.91
CA THR B 58 -42.34 0.80 1.38
C THR B 58 -42.03 -0.39 2.27
N PHE B 59 -43.06 -1.19 2.55
CA PHE B 59 -42.87 -2.35 3.42
C PHE B 59 -41.98 -3.38 2.75
N ILE B 60 -41.25 -4.13 3.58
CA ILE B 60 -40.43 -5.22 3.06
C ILE B 60 -41.30 -6.14 2.22
N PRO B 61 -41.00 -6.32 0.94
CA PRO B 61 -41.85 -7.17 0.09
C PRO B 61 -41.69 -8.64 0.42
N LYS B 62 -42.66 -9.44 -0.04
CA LYS B 62 -42.51 -10.88 0.04
C LYS B 62 -41.32 -11.33 -0.80
N ASN B 63 -40.53 -12.26 -0.25
CA ASN B 63 -39.30 -12.74 -0.86
C ASN B 63 -38.43 -11.58 -1.34
N ALA B 64 -38.13 -10.71 -0.38
CA ALA B 64 -37.23 -9.58 -0.63
C ALA B 64 -35.86 -10.09 -1.01
N ILE B 65 -35.20 -9.34 -1.92
CA ILE B 65 -33.92 -9.74 -2.50
C ILE B 65 -32.79 -8.90 -1.90
N TYR B 66 -31.67 -9.56 -1.59
CA TYR B 66 -30.52 -8.93 -0.96
C TYR B 66 -29.26 -9.20 -1.77
N ARG B 67 -28.38 -8.21 -1.80
CA ARG B 67 -27.01 -8.41 -2.28
C ARG B 67 -26.23 -9.08 -1.16
N ILE B 68 -25.81 -10.34 -1.35
CA ILE B 68 -25.23 -11.09 -0.24
C ILE B 68 -23.71 -10.99 -0.19
N TYR B 69 -23.08 -10.33 -1.16
CA TYR B 69 -21.63 -10.14 -1.19
C TYR B 69 -20.90 -11.43 -0.79
N SER B 70 -20.04 -11.41 0.23
CA SER B 70 -19.18 -12.58 0.45
C SER B 70 -19.91 -13.82 0.94
N MET B 71 -21.22 -13.76 1.19
CA MET B 71 -21.94 -15.03 1.32
C MET B 71 -22.05 -15.76 -0.02
N THR B 72 -21.55 -15.15 -1.10
CA THR B 72 -21.27 -15.89 -2.33
C THR B 72 -20.17 -16.92 -2.12
N LYS B 73 -19.19 -16.63 -1.26
CA LYS B 73 -18.02 -17.50 -1.17
C LYS B 73 -18.34 -18.92 -0.70
N PRO B 74 -19.16 -19.15 0.32
CA PRO B 74 -19.45 -20.55 0.70
C PRO B 74 -20.14 -21.31 -0.41
N ILE B 75 -20.94 -20.63 -1.23
CA ILE B 75 -21.61 -21.29 -2.35
C ILE B 75 -20.62 -21.71 -3.42
N VAL B 76 -19.73 -20.79 -3.83
CA VAL B 76 -18.75 -21.12 -4.85
C VAL B 76 -17.76 -22.15 -4.32
N SER B 77 -17.41 -22.06 -3.03
CA SER B 77 -16.54 -23.07 -2.43
C SER B 77 -17.21 -24.44 -2.42
N PHE B 78 -18.50 -24.49 -2.09
CA PHE B 78 -19.21 -25.76 -2.12
C PHE B 78 -19.23 -26.34 -3.53
N LEU B 79 -19.43 -25.50 -4.54
CA LEU B 79 -19.34 -25.97 -5.92
C LEU B 79 -17.99 -26.61 -6.19
N ALA B 80 -16.91 -25.96 -5.74
CA ALA B 80 -15.59 -26.52 -5.96
C ALA B 80 -15.47 -27.90 -5.30
N MET B 81 -16.06 -28.07 -4.13
CA MET B 81 -15.97 -29.38 -3.48
C MET B 81 -16.74 -30.43 -4.28
N MET B 82 -17.91 -30.06 -4.84
CA MET B 82 -18.62 -30.96 -5.71
C MET B 82 -17.78 -31.37 -6.92
N LEU B 83 -17.02 -30.43 -7.47
CA LEU B 83 -16.21 -30.74 -8.65
C LEU B 83 -15.01 -31.59 -8.26
N ILE B 84 -14.47 -31.38 -7.06
CA ILE B 84 -13.43 -32.28 -6.55
C ILE B 84 -13.98 -33.69 -6.43
N GLU B 85 -15.18 -33.83 -5.86
CA GLU B 85 -15.78 -35.15 -5.71
C GLU B 85 -15.97 -35.82 -7.06
N ARG B 86 -16.32 -35.05 -8.08
CA ARG B 86 -16.56 -35.57 -9.42
C ARG B 86 -15.28 -35.73 -10.24
N GLY B 87 -14.11 -35.40 -9.68
CA GLY B 87 -12.84 -35.64 -10.33
C GLY B 87 -12.35 -34.56 -11.28
N VAL B 88 -12.97 -33.38 -11.28
CA VAL B 88 -12.57 -32.31 -12.20
C VAL B 88 -11.17 -31.81 -11.86
N PHE B 89 -10.89 -31.65 -10.57
CA PHE B 89 -9.56 -31.29 -10.08
C PHE B 89 -9.48 -31.78 -8.64
N ARG B 90 -8.34 -31.52 -8.00
CA ARG B 90 -8.10 -31.91 -6.62
C ARG B 90 -7.64 -30.72 -5.80
N LEU B 91 -7.68 -30.86 -4.47
CA LEU B 91 -7.16 -29.79 -3.63
C LEU B 91 -5.73 -29.44 -3.98
N SER B 92 -4.94 -30.43 -4.38
CA SER B 92 -3.54 -30.20 -4.68
C SER B 92 -3.27 -29.74 -6.10
N SER B 93 -4.31 -29.57 -6.91
CA SER B 93 -4.11 -29.19 -8.31
C SER B 93 -3.51 -27.80 -8.44
N PRO B 94 -2.37 -27.64 -9.11
CA PRO B 94 -1.87 -26.29 -9.39
C PRO B 94 -2.79 -25.57 -10.36
N ILE B 95 -3.16 -24.31 -10.02
CA ILE B 95 -4.12 -23.64 -10.88
C ILE B 95 -3.50 -23.30 -12.23
N GLN B 96 -2.18 -23.22 -12.33
CA GLN B 96 -1.56 -22.91 -13.62
C GLN B 96 -1.80 -24.02 -14.64
N ASN B 97 -2.15 -25.23 -14.18
CA ASN B 97 -2.52 -26.31 -15.09
C ASN B 97 -3.77 -25.97 -15.89
N PHE B 98 -4.61 -25.07 -15.37
CA PHE B 98 -5.85 -24.72 -16.01
C PHE B 98 -5.84 -23.34 -16.64
N ASP B 99 -5.04 -22.42 -16.12
CA ASP B 99 -4.82 -21.12 -16.74
C ASP B 99 -3.34 -20.78 -16.63
N PRO B 100 -2.58 -20.96 -17.71
CA PRO B 100 -1.14 -20.66 -17.66
C PRO B 100 -0.81 -19.18 -17.40
N ARG B 101 -1.79 -18.29 -17.37
CA ARG B 101 -1.49 -16.91 -17.00
C ARG B 101 -1.03 -16.82 -15.56
N PHE B 102 -1.31 -17.84 -14.75
CA PHE B 102 -0.86 -17.88 -13.36
C PHE B 102 0.43 -18.67 -13.20
N LYS B 103 1.10 -18.98 -14.29
CA LYS B 103 2.49 -19.44 -14.23
C LYS B 103 3.39 -18.28 -13.83
N SER B 104 4.48 -18.60 -13.16
CA SER B 104 5.52 -17.61 -12.91
C SER B 104 4.98 -16.41 -12.15
N MET B 105 4.39 -16.68 -11.00
CA MET B 105 3.93 -15.59 -10.14
C MET B 105 5.13 -14.97 -9.42
N LYS B 106 4.98 -13.70 -9.06
CA LYS B 106 5.96 -12.99 -8.25
C LYS B 106 5.34 -12.64 -6.90
N VAL B 107 6.21 -12.34 -5.93
CA VAL B 107 5.79 -11.98 -4.57
C VAL B 107 6.43 -10.65 -4.21
N ILE B 108 5.63 -9.70 -3.70
CA ILE B 108 6.13 -8.40 -3.27
C ILE B 108 6.00 -8.31 -1.76
N ASP B 109 6.86 -7.50 -1.14
CA ASP B 109 6.74 -7.27 0.30
C ASP B 109 6.69 -5.78 0.59
N GLN B 110 6.50 -5.44 1.88
CA GLN B 110 6.29 -4.05 2.30
C GLN B 110 7.54 -3.20 2.18
N HIS B 111 8.67 -3.80 1.80
CA HIS B 111 9.93 -3.10 1.61
C HIS B 111 10.29 -2.99 0.14
N ALA B 112 9.32 -3.19 -0.75
CA ALA B 112 9.48 -3.02 -2.19
C ALA B 112 10.27 -4.16 -2.83
N HIS B 113 10.57 -5.21 -2.07
CA HIS B 113 11.31 -6.33 -2.62
C HIS B 113 10.38 -7.26 -3.38
N ILE B 114 10.78 -7.64 -4.59
CA ILE B 114 10.01 -8.55 -5.44
C ILE B 114 10.88 -9.75 -5.79
N GLU B 115 10.29 -10.95 -5.74
CA GLU B 115 11.00 -12.17 -6.07
C GLU B 115 10.01 -13.19 -6.62
N PRO B 116 10.49 -14.21 -7.34
CA PRO B 116 9.58 -15.25 -7.82
C PRO B 116 8.94 -16.03 -6.67
N ALA B 117 7.69 -16.43 -6.87
CA ALA B 117 7.02 -17.32 -5.92
C ALA B 117 7.75 -18.65 -5.86
N THR B 118 7.94 -19.17 -4.65
CA THR B 118 8.65 -20.44 -4.48
C THR B 118 7.72 -21.63 -4.35
N ALA B 119 6.40 -21.43 -4.50
CA ALA B 119 5.45 -22.54 -4.54
C ALA B 119 4.34 -22.19 -5.51
N LEU B 120 3.75 -23.23 -6.11
CA LEU B 120 2.65 -23.04 -7.04
C LEU B 120 1.35 -22.87 -6.26
N ILE B 121 0.47 -21.99 -6.78
CA ILE B 121 -0.86 -21.82 -6.18
C ILE B 121 -1.72 -23.01 -6.54
N THR B 122 -2.39 -23.58 -5.54
CA THR B 122 -3.27 -24.74 -5.70
C THR B 122 -4.71 -24.36 -5.44
N ILE B 123 -5.61 -25.29 -5.81
CA ILE B 123 -7.02 -25.15 -5.49
C ILE B 123 -7.20 -24.96 -3.99
N GLU B 124 -6.49 -25.77 -3.18
CA GLU B 124 -6.59 -25.64 -1.74
C GLU B 124 -6.19 -24.24 -1.28
N HIS B 125 -5.11 -23.69 -1.83
CA HIS B 125 -4.73 -22.32 -1.47
C HIS B 125 -5.86 -21.34 -1.74
N LEU B 126 -6.55 -21.50 -2.88
CA LEU B 126 -7.64 -20.59 -3.19
C LEU B 126 -8.75 -20.71 -2.15
N LEU B 127 -9.12 -21.94 -1.80
CA LEU B 127 -10.22 -22.16 -0.85
C LEU B 127 -9.88 -21.68 0.55
N THR B 128 -8.59 -21.62 0.91
CA THR B 128 -8.18 -21.25 2.25
C THR B 128 -7.62 -19.83 2.34
N HIS B 129 -7.65 -19.06 1.26
CA HIS B 129 -7.09 -17.70 1.23
C HIS B 129 -5.63 -17.72 1.68
N GLN B 130 -4.91 -18.77 1.26
CA GLN B 130 -3.48 -18.87 1.49
C GLN B 130 -2.68 -18.80 0.20
N ALA B 131 -3.29 -18.30 -0.87
CA ALA B 131 -2.59 -18.25 -2.14
C ALA B 131 -1.66 -17.06 -2.26
N GLY B 132 -1.83 -16.04 -1.42
CA GLY B 132 -1.03 -14.84 -1.52
C GLY B 132 -1.71 -13.69 -2.22
N PHE B 133 -2.95 -13.87 -2.67
CA PHE B 133 -3.68 -12.76 -3.25
C PHE B 133 -4.11 -11.78 -2.16
N SER B 134 -4.48 -10.59 -2.61
CA SER B 134 -4.94 -9.52 -1.72
C SER B 134 -6.39 -9.18 -2.02
N TYR B 135 -6.83 -7.98 -1.66
CA TYR B 135 -8.14 -7.46 -2.00
C TYR B 135 -8.00 -5.96 -2.20
N ASP B 136 -8.83 -5.40 -3.11
CA ASP B 136 -8.69 -3.99 -3.45
C ASP B 136 -8.76 -3.09 -2.22
N PHE B 137 -9.63 -3.43 -1.27
CA PHE B 137 -9.89 -2.55 -0.14
C PHE B 137 -9.10 -2.94 1.09
N SER B 138 -8.03 -3.71 0.94
CA SER B 138 -7.22 -4.13 2.08
C SER B 138 -6.33 -2.96 2.52
N LEU B 139 -6.58 -2.43 3.69
CA LEU B 139 -5.84 -1.26 4.15
C LEU B 139 -4.40 -1.62 4.51
N GLY B 140 -3.45 -0.86 3.98
CA GLY B 140 -2.05 -1.07 4.31
C GLY B 140 -1.38 -2.22 3.59
N CYS B 141 -2.12 -2.96 2.78
CA CYS B 141 -1.58 -4.13 2.09
C CYS B 141 -0.61 -3.70 1.01
N PRO B 142 0.57 -4.32 0.90
CA PRO B 142 1.57 -3.86 -0.08
C PRO B 142 1.07 -3.72 -1.50
N ILE B 143 0.12 -4.54 -1.94
CA ILE B 143 -0.28 -4.51 -3.35
C ILE B 143 -1.69 -3.97 -3.58
N SER B 144 -2.47 -3.67 -2.53
CA SER B 144 -3.88 -3.36 -2.79
C SER B 144 -4.03 -2.09 -3.62
N ALA B 145 -3.07 -1.16 -3.55
CA ALA B 145 -3.17 0.05 -4.36
C ALA B 145 -3.15 -0.30 -5.85
N HIS B 146 -2.36 -1.29 -6.23
CA HIS B 146 -2.32 -1.73 -7.62
C HIS B 146 -3.60 -2.45 -8.01
N TYR B 147 -4.23 -3.19 -7.09
CA TYR B 147 -5.56 -3.73 -7.35
C TYR B 147 -6.55 -2.61 -7.65
N ARG B 148 -6.54 -1.58 -6.82
CA ARG B 148 -7.49 -0.47 -7.00
C ARG B 148 -7.24 0.26 -8.32
N ASP B 149 -5.97 0.48 -8.66
CA ASP B 149 -5.66 1.10 -9.93
C ASP B 149 -6.22 0.29 -11.09
N ALA B 150 -6.16 -1.04 -10.97
CA ALA B 150 -6.70 -1.93 -11.98
C ALA B 150 -8.22 -2.05 -11.92
N GLN B 151 -8.86 -1.51 -10.88
CA GLN B 151 -10.31 -1.56 -10.71
C GLN B 151 -10.85 -2.99 -10.71
N LEU B 152 -10.14 -3.90 -10.03
CA LEU B 152 -10.55 -5.31 -10.08
C LEU B 152 -11.96 -5.51 -9.55
N ILE B 153 -12.29 -4.90 -8.41
CA ILE B 153 -13.63 -5.04 -7.87
C ILE B 153 -14.57 -3.96 -8.42
N GLU B 154 -14.06 -2.75 -8.63
CA GLU B 154 -14.93 -1.64 -9.04
C GLU B 154 -15.55 -1.89 -10.42
N ASP B 155 -14.82 -2.53 -11.32
CA ASP B 155 -15.25 -2.67 -12.72
C ASP B 155 -16.07 -3.96 -12.87
N GLY B 156 -17.34 -3.87 -12.45
CA GLY B 156 -18.20 -5.03 -12.51
C GLY B 156 -18.60 -5.43 -13.92
N GLY B 157 -18.55 -4.49 -14.87
CA GLY B 157 -18.90 -4.82 -16.24
C GLY B 157 -17.86 -5.61 -16.99
N ARG B 158 -16.65 -5.71 -16.44
CA ARG B 158 -15.60 -6.49 -17.08
C ARG B 158 -15.84 -7.98 -16.91
N ASP B 159 -15.62 -8.74 -17.97
CA ASP B 159 -15.85 -10.17 -17.87
C ASP B 159 -14.88 -10.80 -16.87
N LEU B 160 -15.38 -11.77 -16.11
CA LEU B 160 -14.53 -12.49 -15.14
C LEU B 160 -13.21 -12.92 -15.76
N THR B 161 -13.28 -13.53 -16.96
CA THR B 161 -12.06 -14.02 -17.62
C THR B 161 -11.06 -12.89 -17.86
N ASP B 162 -11.56 -11.72 -18.27
CA ASP B 162 -10.67 -10.60 -18.57
C ASP B 162 -10.11 -9.98 -17.28
N MET B 163 -10.94 -9.88 -16.24
CA MET B 163 -10.44 -9.38 -14.97
C MET B 163 -9.31 -10.25 -14.45
N MET B 164 -9.44 -11.56 -14.62
CA MET B 164 -8.41 -12.49 -14.16
C MET B 164 -7.10 -12.30 -14.90
N GLY B 165 -7.16 -11.95 -16.18
CA GLY B 165 -5.94 -11.67 -16.92
C GLY B 165 -5.18 -10.49 -16.34
N VAL B 166 -5.92 -9.47 -15.88
CA VAL B 166 -5.27 -8.32 -15.27
C VAL B 166 -4.70 -8.68 -13.91
N LEU B 167 -5.47 -9.41 -13.11
CA LEU B 167 -5.00 -9.83 -11.79
C LEU B 167 -3.73 -10.67 -11.88
N ALA B 168 -3.69 -11.60 -12.85
CA ALA B 168 -2.59 -12.55 -12.94
C ALA B 168 -1.24 -11.88 -13.13
N GLU B 169 -1.21 -10.66 -13.66
CA GLU B 169 0.03 -9.95 -13.90
C GLU B 169 0.58 -9.28 -12.64
N LEU B 170 -0.22 -9.23 -11.54
CA LEU B 170 0.21 -8.54 -10.34
C LEU B 170 0.91 -9.52 -9.39
N PRO B 171 1.82 -9.03 -8.56
CA PRO B 171 2.47 -9.90 -7.57
C PRO B 171 1.53 -10.27 -6.42
N LEU B 172 1.80 -11.44 -5.86
CA LEU B 172 1.25 -11.86 -4.57
C LEU B 172 1.95 -11.11 -3.44
N VAL B 173 1.37 -11.18 -2.24
CA VAL B 173 1.99 -10.54 -1.07
C VAL B 173 2.62 -11.54 -0.11
N PHE B 174 2.58 -12.83 -0.41
CA PHE B 174 3.41 -13.82 0.27
C PHE B 174 3.47 -15.08 -0.59
N HIS B 175 4.39 -15.97 -0.26
CA HIS B 175 4.53 -17.17 -1.06
C HIS B 175 3.35 -18.12 -0.80
N PRO B 176 2.77 -18.70 -1.85
CA PRO B 176 1.58 -19.55 -1.66
C PRO B 176 1.78 -20.58 -0.55
N GLY B 177 0.78 -20.67 0.33
CA GLY B 177 0.78 -21.64 1.40
C GLY B 177 1.33 -21.15 2.72
N THR B 178 2.01 -20.01 2.74
CA THR B 178 2.80 -19.64 3.92
C THR B 178 2.08 -18.73 4.90
N GLN B 179 0.97 -18.10 4.51
CA GLN B 179 0.24 -17.16 5.35
C GLN B 179 -1.23 -17.18 4.96
N TRP B 180 -2.03 -16.45 5.74
CA TRP B 180 -3.47 -16.31 5.49
C TRP B 180 -3.80 -14.84 5.31
N LYS B 181 -4.53 -14.53 4.24
CA LYS B 181 -5.03 -13.16 4.06
C LYS B 181 -6.30 -13.24 3.23
N TYR B 182 -7.40 -12.74 3.78
CA TYR B 182 -8.68 -12.77 3.08
C TYR B 182 -8.59 -12.00 1.76
N SER B 183 -9.11 -12.59 0.68
CA SER B 183 -8.61 -12.21 -0.63
C SER B 183 -9.64 -12.44 -1.74
N ILE B 184 -9.23 -12.00 -2.94
CA ILE B 184 -9.89 -12.20 -4.22
C ILE B 184 -9.76 -13.64 -4.70
N SER B 185 -9.21 -14.54 -3.86
CA SER B 185 -8.93 -15.88 -4.35
C SER B 185 -10.19 -16.68 -4.69
N THR B 186 -11.35 -16.34 -4.11
CA THR B 186 -12.57 -17.06 -4.49
C THR B 186 -12.99 -16.69 -5.91
N ASP B 187 -12.68 -15.46 -6.33
CA ASP B 187 -12.91 -15.09 -7.73
C ASP B 187 -11.97 -15.85 -8.64
N VAL B 188 -10.71 -16.02 -8.23
CA VAL B 188 -9.80 -16.87 -8.99
C VAL B 188 -10.35 -18.28 -9.07
N LEU B 189 -10.91 -18.77 -7.96
CA LEU B 189 -11.48 -20.12 -7.95
C LEU B 189 -12.62 -20.25 -8.94
N ALA B 190 -13.53 -19.27 -8.97
CA ALA B 190 -14.62 -19.30 -9.95
C ALA B 190 -14.06 -19.36 -11.37
N HIS B 191 -13.05 -18.55 -11.64
CA HIS B 191 -12.43 -18.56 -12.96
C HIS B 191 -11.77 -19.90 -13.27
N ILE B 192 -11.03 -20.47 -12.31
CA ILE B 192 -10.36 -21.74 -12.56
C ILE B 192 -11.38 -22.86 -12.76
N ILE B 193 -12.52 -22.79 -12.07
CA ILE B 193 -13.61 -23.71 -12.33
C ILE B 193 -14.03 -23.63 -13.79
N GLU B 194 -14.16 -22.40 -14.31
CA GLU B 194 -14.54 -22.25 -15.71
C GLU B 194 -13.49 -22.87 -16.62
N CYS B 195 -12.21 -22.63 -16.31
CA CYS B 195 -11.14 -23.19 -17.14
C CYS B 195 -11.15 -24.70 -17.12
N ALA B 196 -11.36 -25.29 -15.93
CA ALA B 196 -11.27 -26.74 -15.80
C ALA B 196 -12.45 -27.47 -16.42
N THR B 197 -13.63 -26.83 -16.43
CA THR B 197 -14.85 -27.49 -16.92
C THR B 197 -15.23 -27.08 -18.33
N GLY B 198 -14.75 -25.93 -18.81
CA GLY B 198 -15.25 -25.39 -20.05
C GLY B 198 -16.65 -24.82 -19.97
N GLU B 199 -17.20 -24.69 -18.77
CA GLU B 199 -18.54 -24.16 -18.54
C GLU B 199 -18.44 -22.88 -17.72
N ARG B 200 -19.53 -22.10 -17.69
CA ARG B 200 -19.55 -20.87 -16.93
C ARG B 200 -19.96 -21.16 -15.49
N VAL B 201 -19.39 -20.40 -14.55
CA VAL B 201 -19.64 -20.68 -13.13
C VAL B 201 -21.10 -20.43 -12.78
N ASP B 202 -21.75 -19.46 -13.43
CA ASP B 202 -23.15 -19.21 -13.11
C ASP B 202 -24.04 -20.36 -13.60
N ASP B 203 -23.71 -20.97 -14.74
CA ASP B 203 -24.48 -22.12 -15.20
C ASP B 203 -24.25 -23.33 -14.30
N LEU B 204 -23.01 -23.52 -13.85
CA LEU B 204 -22.72 -24.64 -12.94
C LEU B 204 -23.44 -24.47 -11.62
N LEU B 205 -23.45 -23.25 -11.07
CA LEU B 205 -24.16 -23.01 -9.82
C LEU B 205 -25.64 -23.29 -10.00
N GLN B 206 -26.21 -22.83 -11.12
CA GLN B 206 -27.63 -23.05 -11.39
C GLN B 206 -27.97 -24.53 -11.42
N ARG B 207 -27.22 -25.31 -12.20
CA ARG B 207 -27.54 -26.71 -12.43
C ARG B 207 -27.23 -27.59 -11.22
N LEU B 208 -26.12 -27.32 -10.52
CA LEU B 208 -25.67 -28.24 -9.48
C LEU B 208 -26.13 -27.85 -8.08
N ILE B 209 -26.49 -26.59 -7.85
CA ILE B 209 -26.86 -26.16 -6.50
C ILE B 209 -28.23 -25.50 -6.47
N PHE B 210 -28.42 -24.41 -7.22
CA PHE B 210 -29.65 -23.64 -7.06
C PHE B 210 -30.88 -24.44 -7.46
N ASP B 211 -30.84 -25.08 -8.64
CA ASP B 211 -32.04 -25.81 -9.08
C ASP B 211 -32.35 -26.99 -8.17
N PRO B 212 -31.38 -27.84 -7.80
CA PRO B 212 -31.71 -28.93 -6.86
C PRO B 212 -32.26 -28.44 -5.53
N LEU B 213 -31.85 -27.27 -5.06
CA LEU B 213 -32.31 -26.74 -3.78
C LEU B 213 -33.49 -25.81 -3.93
N ASP B 214 -34.02 -25.65 -5.15
CA ASP B 214 -35.15 -24.78 -5.42
C ASP B 214 -34.88 -23.34 -4.98
N MET B 215 -33.65 -22.88 -5.18
CA MET B 215 -33.28 -21.49 -4.88
C MET B 215 -33.54 -20.66 -6.14
N GLN B 216 -34.83 -20.39 -6.39
CA GLN B 216 -35.21 -19.81 -7.67
C GLN B 216 -34.90 -18.32 -7.78
N ASP B 217 -34.56 -17.64 -6.68
CA ASP B 217 -34.29 -16.21 -6.70
C ASP B 217 -32.81 -15.90 -6.59
N THR B 218 -31.94 -16.90 -6.68
CA THR B 218 -30.51 -16.70 -6.45
C THR B 218 -29.75 -16.70 -7.77
N GLY B 219 -28.90 -15.71 -7.94
CA GLY B 219 -28.14 -15.59 -9.19
C GLY B 219 -27.46 -14.24 -9.25
N PHE B 220 -26.69 -14.05 -10.32
CA PHE B 220 -25.90 -12.82 -10.48
C PHE B 220 -26.69 -11.71 -11.16
N SER B 221 -27.93 -11.96 -11.53
CA SER B 221 -28.82 -10.91 -12.04
C SER B 221 -30.16 -11.06 -11.36
N LEU B 222 -30.95 -9.99 -11.39
CA LEU B 222 -32.27 -10.02 -10.77
C LEU B 222 -33.22 -10.91 -11.58
N PRO B 223 -34.14 -11.62 -10.91
CA PRO B 223 -35.21 -12.32 -11.63
C PRO B 223 -36.06 -11.30 -12.38
N LEU B 224 -36.94 -11.83 -13.24
CA LEU B 224 -37.76 -10.96 -14.08
C LEU B 224 -38.63 -10.01 -13.24
N ASP B 225 -39.20 -10.51 -12.15
CA ASP B 225 -39.98 -9.68 -11.24
C ASP B 225 -39.15 -9.17 -10.06
N GLY B 226 -37.84 -9.00 -10.25
CA GLY B 226 -36.95 -8.77 -9.12
C GLY B 226 -36.79 -7.31 -8.72
N ALA B 227 -36.95 -6.38 -9.66
CA ALA B 227 -36.69 -4.98 -9.37
C ALA B 227 -37.50 -4.49 -8.18
N SER B 228 -38.79 -4.84 -8.12
CA SER B 228 -39.63 -4.34 -7.05
C SER B 228 -39.34 -5.00 -5.71
N ARG B 229 -38.57 -6.09 -5.69
CA ARG B 229 -38.26 -6.81 -4.47
C ARG B 229 -36.87 -6.52 -3.92
N LEU B 230 -36.04 -5.78 -4.66
CA LEU B 230 -34.67 -5.52 -4.25
C LEU B 230 -34.63 -4.53 -3.09
N MET B 231 -34.04 -4.94 -1.98
CA MET B 231 -33.89 -4.05 -0.84
C MET B 231 -32.88 -2.93 -1.13
N GLU B 232 -33.16 -1.73 -0.64
CA GLU B 232 -32.23 -0.64 -0.79
C GLU B 232 -30.99 -0.90 0.06
N VAL B 233 -29.84 -0.46 -0.43
CA VAL B 233 -28.57 -0.63 0.29
C VAL B 233 -28.09 0.74 0.76
N TYR B 234 -27.63 0.78 2.00
CA TYR B 234 -27.26 2.01 2.69
C TYR B 234 -25.80 1.93 3.13
N GLY B 235 -25.24 3.09 3.48
CA GLY B 235 -23.94 3.14 4.09
C GLY B 235 -22.94 4.02 3.37
N MET B 236 -21.90 4.44 4.09
CA MET B 236 -20.89 5.35 3.57
C MET B 236 -19.64 4.66 3.06
N ARG B 237 -19.40 3.41 3.45
CA ARG B 237 -18.22 2.71 2.95
C ARG B 237 -18.20 2.73 1.42
N SER B 238 -17.12 3.27 0.86
CA SER B 238 -17.04 3.53 -0.57
C SER B 238 -16.09 2.55 -1.25
N LEU B 239 -16.50 2.07 -2.42
CA LEU B 239 -15.63 1.27 -3.28
C LEU B 239 -14.66 2.16 -4.05
N ALA B 240 -15.09 3.35 -4.43
CA ALA B 240 -14.28 4.27 -5.24
C ALA B 240 -13.41 5.09 -4.29
N GLY B 241 -12.17 4.67 -4.10
CA GLY B 241 -11.25 5.43 -3.29
C GLY B 241 -10.41 4.59 -2.34
N LEU B 242 -9.53 5.25 -1.59
CA LEU B 242 -8.63 4.54 -0.71
C LEU B 242 -9.39 3.98 0.49
N PRO B 243 -8.94 2.83 0.99
CA PRO B 243 -9.46 2.32 2.26
C PRO B 243 -9.31 3.39 3.34
N ALA B 244 -10.38 3.59 4.12
CA ALA B 244 -10.39 4.64 5.12
C ALA B 244 -9.52 4.27 6.32
N LEU B 245 -8.93 5.30 6.92
CA LEU B 245 -8.10 5.13 8.10
C LEU B 245 -8.91 5.06 9.38
N LYS B 246 -10.16 5.53 9.35
CA LYS B 246 -11.10 5.37 10.43
C LYS B 246 -12.46 5.11 9.81
N PRO B 247 -13.34 4.37 10.48
CA PRO B 247 -14.63 4.01 9.88
C PRO B 247 -15.49 5.24 9.62
N ALA B 248 -16.16 5.23 8.47
CA ALA B 248 -17.12 6.29 8.18
C ALA B 248 -18.26 6.21 9.20
N PRO B 249 -18.90 7.34 9.49
CA PRO B 249 -20.03 7.30 10.43
C PRO B 249 -21.12 6.38 9.90
N HIS B 250 -21.83 5.75 10.84
CA HIS B 250 -22.88 4.79 10.51
C HIS B 250 -24.18 5.58 10.35
N VAL B 251 -24.53 5.90 9.10
CA VAL B 251 -25.71 6.71 8.81
C VAL B 251 -26.46 6.09 7.64
N LEU B 252 -27.78 6.06 7.74
CA LEU B 252 -28.65 5.46 6.72
C LEU B 252 -28.78 6.44 5.55
N VAL B 253 -27.79 6.42 4.68
CA VAL B 253 -27.81 7.15 3.42
C VAL B 253 -27.64 6.11 2.31
N PRO B 254 -28.42 6.18 1.22
CA PRO B 254 -28.28 5.17 0.17
C PRO B 254 -26.87 5.12 -0.36
N ALA B 255 -26.40 3.90 -0.61
CA ALA B 255 -25.03 3.69 -1.06
C ALA B 255 -24.95 3.70 -2.58
N ASP B 256 -23.87 4.27 -3.11
CA ASP B 256 -23.62 4.31 -4.55
C ASP B 256 -22.66 3.17 -4.89
N LEU B 257 -23.15 2.18 -5.63
CA LEU B 257 -22.36 1.01 -6.01
C LEU B 257 -21.63 1.20 -7.33
N GLY B 258 -21.76 2.35 -7.97
CA GLY B 258 -21.11 2.53 -9.27
C GLY B 258 -21.53 1.45 -10.23
N SER B 259 -20.55 0.90 -10.96
CA SER B 259 -20.81 -0.19 -11.89
C SER B 259 -20.33 -1.52 -11.34
N SER B 260 -20.22 -1.64 -10.02
CA SER B 260 -19.60 -2.81 -9.41
C SER B 260 -20.56 -3.98 -9.23
N HIS B 261 -21.87 -3.73 -9.27
CA HIS B 261 -22.84 -4.75 -8.89
C HIS B 261 -24.07 -4.65 -9.77
N PRO B 262 -23.94 -4.91 -11.07
CA PRO B 262 -25.08 -4.73 -11.98
C PRO B 262 -26.25 -5.62 -11.60
N THR B 263 -27.45 -5.15 -11.96
CA THR B 263 -28.67 -5.88 -11.71
C THR B 263 -29.12 -6.74 -12.88
N ASP B 264 -28.73 -6.38 -14.11
CA ASP B 264 -29.25 -7.07 -15.29
C ASP B 264 -28.17 -7.27 -16.35
N ASP B 265 -26.97 -7.65 -15.91
CA ASP B 265 -25.89 -7.98 -16.83
C ASP B 265 -25.81 -9.48 -16.97
N PRO B 266 -26.17 -10.05 -18.13
CA PRO B 266 -26.24 -11.52 -18.25
C PRO B 266 -24.88 -12.20 -18.19
N ASP B 267 -23.79 -11.46 -18.26
CA ASP B 267 -22.46 -12.05 -18.19
C ASP B 267 -21.74 -11.77 -16.89
N PHE B 268 -22.37 -11.01 -15.99
CA PHE B 268 -21.76 -10.71 -14.69
C PHE B 268 -21.72 -11.98 -13.85
N ARG B 269 -20.52 -12.35 -13.41
CA ARG B 269 -20.37 -13.51 -12.54
C ARG B 269 -19.04 -13.38 -11.83
N ARG B 270 -19.00 -13.80 -10.57
CA ARG B 270 -17.82 -13.63 -9.72
C ARG B 270 -17.79 -14.80 -8.77
N GLY B 271 -16.69 -14.92 -8.02
CA GLY B 271 -16.60 -15.97 -7.03
C GLY B 271 -16.74 -15.47 -5.60
N GLY B 272 -16.39 -14.20 -5.35
CA GLY B 272 -16.31 -13.69 -4.00
C GLY B 272 -17.47 -12.78 -3.58
N HIS B 273 -18.30 -12.42 -4.54
CA HIS B 273 -19.42 -11.51 -4.30
C HIS B 273 -20.29 -11.57 -5.55
N GLY B 274 -21.42 -10.83 -5.51
CA GLY B 274 -22.20 -10.57 -6.70
C GLY B 274 -23.53 -11.29 -6.78
N LEU B 275 -23.76 -12.33 -5.98
CA LEU B 275 -25.05 -12.99 -5.99
C LEU B 275 -26.11 -12.13 -5.33
N TYR B 276 -27.31 -12.18 -5.91
CA TYR B 276 -28.54 -11.78 -5.26
C TYR B 276 -29.19 -13.03 -4.69
N SER B 277 -29.82 -12.90 -3.53
CA SER B 277 -30.54 -14.02 -2.97
C SER B 277 -31.66 -13.52 -2.07
N THR B 278 -32.36 -14.46 -1.45
CA THR B 278 -33.43 -14.18 -0.51
C THR B 278 -33.16 -14.93 0.78
N LEU B 279 -33.82 -14.51 1.86
CA LEU B 279 -33.71 -15.25 3.11
C LEU B 279 -34.07 -16.71 2.91
N ASP B 280 -35.20 -16.97 2.24
CA ASP B 280 -35.64 -18.35 2.05
C ASP B 280 -34.64 -19.15 1.23
N ASP B 281 -34.13 -18.57 0.14
CA ASP B 281 -33.14 -19.28 -0.67
C ASP B 281 -31.88 -19.60 0.13
N TYR B 282 -31.35 -18.62 0.86
CA TYR B 282 -30.10 -18.88 1.56
C TYR B 282 -30.30 -19.90 2.67
N MET B 283 -31.45 -19.90 3.33
CA MET B 283 -31.69 -20.91 4.36
C MET B 283 -31.73 -22.31 3.75
N ALA B 284 -32.19 -22.45 2.50
CA ALA B 284 -32.16 -23.77 1.87
C ALA B 284 -30.72 -24.26 1.71
N PHE B 285 -29.82 -23.36 1.30
CA PHE B 285 -28.41 -23.70 1.19
C PHE B 285 -27.82 -24.04 2.56
N ALA B 286 -28.08 -23.19 3.55
CA ALA B 286 -27.51 -23.43 4.88
C ALA B 286 -28.01 -24.76 5.47
N ASN B 287 -29.32 -25.03 5.36
CA ASN B 287 -29.82 -26.30 5.86
C ASN B 287 -29.15 -27.48 5.16
N MET B 288 -28.87 -27.34 3.87
CA MET B 288 -28.23 -28.42 3.13
C MET B 288 -26.86 -28.74 3.73
N LEU B 289 -26.15 -27.73 4.24
CA LEU B 289 -24.81 -27.95 4.78
C LEU B 289 -24.80 -28.81 6.05
N LEU B 290 -25.96 -29.04 6.66
CA LEU B 290 -26.04 -29.97 7.80
C LEU B 290 -25.88 -31.42 7.39
N SER B 291 -26.07 -31.74 6.11
CA SER B 291 -26.07 -33.13 5.67
C SER B 291 -25.41 -33.37 4.32
N GLY B 292 -25.30 -32.35 3.47
CA GLY B 292 -24.89 -32.53 2.10
C GLY B 292 -26.00 -32.95 1.15
N GLN B 293 -27.24 -33.04 1.63
CA GLN B 293 -28.36 -33.54 0.85
C GLN B 293 -29.42 -32.46 0.64
N THR B 294 -30.19 -32.63 -0.43
CA THR B 294 -31.43 -31.87 -0.58
C THR B 294 -32.47 -32.41 0.39
N PRO B 295 -33.54 -31.67 0.61
CA PRO B 295 -34.59 -32.17 1.53
C PRO B 295 -35.17 -33.50 1.09
N GLU B 296 -35.24 -33.77 -0.22
CA GLU B 296 -35.74 -35.05 -0.69
C GLU B 296 -34.73 -36.17 -0.50
N GLY B 297 -33.44 -35.84 -0.34
CA GLY B 297 -32.43 -36.86 -0.13
C GLY B 297 -31.42 -37.00 -1.26
N GLU B 298 -31.51 -36.21 -2.32
CA GLU B 298 -30.45 -36.18 -3.32
C GLU B 298 -29.16 -35.70 -2.66
N THR B 299 -28.05 -36.36 -2.99
CA THR B 299 -26.75 -36.00 -2.44
C THR B 299 -26.10 -34.93 -3.32
N LEU B 300 -25.86 -33.75 -2.76
CA LEU B 300 -25.04 -32.77 -3.44
C LEU B 300 -23.57 -32.96 -3.16
N LEU B 301 -23.24 -33.40 -1.94
CA LEU B 301 -21.85 -33.67 -1.57
C LEU B 301 -21.85 -34.81 -0.59
N SER B 302 -20.99 -35.80 -0.82
CA SER B 302 -20.96 -36.97 0.04
C SER B 302 -20.57 -36.58 1.47
N PRO B 303 -20.96 -37.39 2.44
CA PRO B 303 -20.56 -37.09 3.83
C PRO B 303 -19.05 -36.99 4.01
N ALA B 304 -18.28 -37.82 3.31
CA ALA B 304 -16.82 -37.78 3.51
C ALA B 304 -16.22 -36.48 3.00
N VAL B 305 -16.68 -35.99 1.85
CA VAL B 305 -16.11 -34.76 1.31
C VAL B 305 -16.67 -33.56 2.06
N LEU B 306 -17.92 -33.64 2.53
CA LEU B 306 -18.44 -32.57 3.37
C LEU B 306 -17.61 -32.46 4.66
N LYS B 307 -17.26 -33.59 5.27
CA LYS B 307 -16.40 -33.57 6.45
C LYS B 307 -15.04 -32.97 6.12
N LEU B 308 -14.48 -33.33 4.96
CA LEU B 308 -13.21 -32.74 4.50
C LEU B 308 -13.32 -31.23 4.37
N ALA B 309 -14.46 -30.76 3.87
CA ALA B 309 -14.68 -29.33 3.66
C ALA B 309 -14.88 -28.57 4.96
N LEU B 310 -15.46 -29.19 5.98
CA LEU B 310 -15.78 -28.47 7.21
C LEU B 310 -14.70 -28.57 8.27
N ALA B 311 -13.77 -29.50 8.13
CA ALA B 311 -12.74 -29.69 9.16
C ALA B 311 -11.87 -28.45 9.27
N PRO B 312 -11.50 -28.03 10.48
CA PRO B 312 -10.62 -26.87 10.62
C PRO B 312 -9.31 -27.10 9.90
N ARG B 313 -8.95 -26.15 9.04
CA ARG B 313 -7.84 -26.32 8.12
C ARG B 313 -6.76 -25.25 8.26
N VAL B 314 -7.12 -24.03 8.61
CA VAL B 314 -6.16 -22.97 8.90
C VAL B 314 -6.34 -22.60 10.36
N HIS B 315 -5.25 -22.67 11.12
CA HIS B 315 -5.26 -22.32 12.52
C HIS B 315 -4.44 -21.05 12.71
N PHE B 316 -4.85 -20.23 13.68
CA PHE B 316 -4.28 -18.90 13.83
C PHE B 316 -3.56 -18.74 15.14
N GLY B 317 -2.60 -17.82 15.14
CA GLY B 317 -1.79 -17.53 16.31
C GLY B 317 -2.53 -16.67 17.31
N ALA B 318 -1.74 -16.01 18.18
CA ALA B 318 -2.32 -15.32 19.32
C ALA B 318 -3.27 -14.20 18.89
N ARG B 319 -2.93 -13.48 17.82
CA ARG B 319 -3.82 -12.43 17.37
C ARG B 319 -5.01 -12.96 16.58
N GLY B 320 -5.02 -14.25 16.26
CA GLY B 320 -6.21 -14.87 15.71
C GLY B 320 -6.45 -14.51 14.26
N MET B 321 -7.60 -14.98 13.78
CA MET B 321 -8.08 -14.64 12.45
C MET B 321 -8.50 -13.18 12.40
N ARG B 322 -7.98 -12.43 11.43
CA ARG B 322 -8.31 -11.01 11.31
C ARG B 322 -8.51 -10.65 9.85
N ILE B 323 -9.48 -9.75 9.60
CA ILE B 323 -9.70 -9.19 8.28
C ILE B 323 -9.73 -7.68 8.45
N ASN B 324 -8.81 -6.97 7.80
CA ASN B 324 -8.61 -5.54 8.04
C ASN B 324 -8.55 -5.26 9.54
N ASP B 325 -7.85 -6.15 10.25
CA ASP B 325 -7.57 -6.08 11.68
C ASP B 325 -8.80 -6.25 12.55
N GLU B 326 -9.95 -6.61 11.97
CA GLU B 326 -11.12 -6.95 12.77
C GLU B 326 -11.05 -8.43 13.16
N PRO B 327 -11.28 -8.78 14.42
CA PRO B 327 -11.10 -10.17 14.86
C PRO B 327 -12.31 -11.05 14.65
N PHE B 328 -12.02 -12.33 14.49
CA PHE B 328 -13.00 -13.41 14.47
C PHE B 328 -12.57 -14.36 15.58
N ALA B 329 -12.96 -14.01 16.82
CA ALA B 329 -12.36 -14.62 18.00
C ALA B 329 -12.81 -16.07 18.14
N GLY B 330 -11.84 -16.97 18.31
CA GLY B 330 -12.14 -18.37 18.46
C GLY B 330 -12.44 -19.10 17.18
N TYR B 331 -12.36 -18.44 16.02
CA TYR B 331 -12.64 -19.09 14.75
C TYR B 331 -11.36 -19.52 14.06
N SER B 332 -11.43 -20.69 13.43
CA SER B 332 -10.47 -21.13 12.44
C SER B 332 -11.14 -21.08 11.07
N TRP B 333 -10.41 -21.46 10.03
CA TRP B 333 -10.91 -21.42 8.67
C TRP B 333 -11.00 -22.84 8.13
N ASN B 334 -12.11 -23.19 7.49
CA ASN B 334 -12.21 -24.44 6.74
C ASN B 334 -12.39 -24.07 5.26
N LEU B 335 -12.68 -25.07 4.41
CA LEU B 335 -12.72 -24.81 2.97
C LEU B 335 -13.93 -23.96 2.55
N LEU B 336 -14.91 -23.74 3.43
CA LEU B 336 -16.09 -22.94 3.12
C LEU B 336 -16.19 -21.61 3.86
N GLY B 337 -15.39 -21.37 4.88
CA GLY B 337 -15.56 -20.15 5.69
C GLY B 337 -15.05 -20.35 7.11
N ARG B 338 -15.67 -19.65 8.07
CA ARG B 338 -15.22 -19.72 9.45
C ARG B 338 -15.76 -20.97 10.14
N VAL B 339 -15.04 -21.44 11.16
CA VAL B 339 -15.54 -22.55 11.99
C VAL B 339 -15.06 -22.34 13.42
N MET B 340 -15.99 -22.46 14.37
CA MET B 340 -15.69 -22.19 15.78
C MET B 340 -14.88 -23.36 16.36
N THR B 341 -13.66 -23.07 16.82
CA THR B 341 -12.80 -24.10 17.36
C THR B 341 -12.42 -23.89 18.83
N ASP B 342 -12.87 -22.81 19.47
CA ASP B 342 -12.59 -22.63 20.90
C ASP B 342 -13.63 -21.69 21.50
N VAL B 343 -14.67 -22.26 22.11
CA VAL B 343 -15.72 -21.45 22.70
C VAL B 343 -15.15 -20.54 23.78
N GLY B 344 -14.09 -20.99 24.46
CA GLY B 344 -13.46 -20.18 25.50
C GLY B 344 -12.71 -18.97 24.97
N ALA B 345 -12.50 -18.87 23.66
CA ALA B 345 -11.95 -17.68 23.05
C ALA B 345 -13.00 -16.86 22.31
N ALA B 346 -14.23 -17.38 22.20
CA ALA B 346 -15.26 -16.74 21.42
C ALA B 346 -15.74 -15.46 22.09
N ALA B 347 -16.15 -14.51 21.27
CA ALA B 347 -16.58 -13.19 21.73
C ALA B 347 -18.08 -13.05 21.75
N TYR B 348 -18.81 -14.08 21.31
CA TYR B 348 -20.27 -14.07 21.36
C TYR B 348 -20.75 -15.50 21.28
N ALA B 349 -21.97 -15.71 21.76
CA ALA B 349 -22.48 -17.05 21.99
C ALA B 349 -22.42 -17.91 20.73
N THR B 350 -21.99 -19.16 20.93
CA THR B 350 -21.73 -20.09 19.84
C THR B 350 -21.57 -21.48 20.45
N HIS B 351 -21.40 -22.49 19.60
CA HIS B 351 -20.99 -23.82 20.03
C HIS B 351 -19.86 -24.31 19.17
N LEU B 352 -19.06 -25.22 19.74
CA LEU B 352 -17.96 -25.83 18.99
C LEU B 352 -18.48 -26.37 17.67
N GLY B 353 -17.81 -26.00 16.58
CA GLY B 353 -18.17 -26.49 15.26
C GLY B 353 -19.14 -25.60 14.49
N GLU B 354 -19.68 -24.56 15.12
CA GLU B 354 -20.51 -23.61 14.38
C GLU B 354 -19.72 -23.03 13.22
N PHE B 355 -20.34 -22.94 12.05
CA PHE B 355 -19.62 -22.47 10.87
C PHE B 355 -20.53 -21.61 10.00
N GLY B 356 -19.93 -20.90 9.07
CA GLY B 356 -20.67 -20.05 8.14
C GLY B 356 -19.84 -18.87 7.68
N TRP B 357 -20.50 -17.84 7.19
CA TRP B 357 -19.77 -16.64 6.77
C TRP B 357 -20.74 -15.46 6.73
N SER B 358 -20.38 -14.42 5.98
CA SER B 358 -21.10 -13.14 6.05
C SER B 358 -20.69 -12.31 4.86
N GLY B 359 -21.38 -11.18 4.66
CA GLY B 359 -21.12 -10.32 3.51
C GLY B 359 -21.00 -8.85 3.89
N ALA B 360 -20.45 -8.09 2.94
CA ALA B 360 -20.12 -6.69 3.17
C ALA B 360 -21.33 -5.85 3.52
N ALA B 361 -22.53 -6.24 3.08
CA ALA B 361 -23.72 -5.46 3.39
C ALA B 361 -24.41 -5.94 4.66
N ALA B 362 -23.66 -6.61 5.55
CA ALA B 362 -24.05 -7.04 6.89
C ALA B 362 -24.95 -8.27 6.90
N THR B 363 -25.15 -8.96 5.77
CA THR B 363 -25.80 -10.26 5.80
C THR B 363 -24.91 -11.26 6.53
N TYR B 364 -25.54 -12.22 7.21
CA TYR B 364 -24.80 -13.15 8.06
C TYR B 364 -25.56 -14.45 8.15
N PHE B 365 -24.85 -15.59 8.21
CA PHE B 365 -25.52 -16.85 8.47
C PHE B 365 -24.61 -17.75 9.27
N TRP B 366 -25.22 -18.74 9.90
CA TRP B 366 -24.46 -19.75 10.61
C TRP B 366 -25.16 -21.09 10.53
N VAL B 367 -24.37 -22.15 10.73
CA VAL B 367 -24.84 -23.52 10.86
C VAL B 367 -24.26 -24.05 12.16
N ASP B 368 -25.12 -24.59 13.02
CA ASP B 368 -24.65 -25.12 14.31
C ASP B 368 -25.01 -26.59 14.41
N PRO B 369 -24.08 -27.49 14.07
CA PRO B 369 -24.42 -28.92 14.05
C PRO B 369 -24.80 -29.47 15.41
N THR B 370 -24.28 -28.90 16.50
CA THR B 370 -24.64 -29.44 17.82
C THR B 370 -26.11 -29.24 18.15
N LYS B 371 -26.78 -28.28 17.51
CA LYS B 371 -28.20 -28.02 17.72
C LYS B 371 -29.02 -28.30 16.47
N ASN B 372 -28.43 -28.92 15.44
CA ASN B 372 -29.12 -29.12 14.17
C ASN B 372 -29.78 -27.82 13.69
N MET B 373 -29.06 -26.71 13.84
CA MET B 373 -29.61 -25.37 13.74
C MET B 373 -28.96 -24.62 12.58
N THR B 374 -29.75 -23.82 11.88
CA THR B 374 -29.23 -22.84 10.93
C THR B 374 -29.89 -21.51 11.20
N GLY B 375 -29.19 -20.43 10.89
CA GLY B 375 -29.77 -19.11 11.03
C GLY B 375 -29.20 -18.17 9.99
N CYS B 376 -30.03 -17.21 9.59
CA CYS B 376 -29.59 -16.21 8.62
C CYS B 376 -30.24 -14.88 8.95
N VAL B 377 -29.47 -13.80 8.89
CA VAL B 377 -30.01 -12.45 8.97
C VAL B 377 -29.69 -11.71 7.69
N MET B 378 -30.71 -11.10 7.08
CA MET B 378 -30.56 -10.34 5.85
C MET B 378 -30.87 -8.87 6.11
N THR B 379 -29.97 -8.00 5.68
CA THR B 379 -30.12 -6.55 5.73
C THR B 379 -29.18 -6.00 4.67
N GLN B 380 -29.18 -4.67 4.46
CA GLN B 380 -28.32 -4.07 3.44
C GLN B 380 -27.68 -2.82 4.03
N PHE B 381 -26.50 -2.97 4.61
CA PHE B 381 -25.74 -1.82 5.10
C PHE B 381 -24.26 -2.05 4.90
N LEU B 382 -23.61 -1.19 4.12
CA LEU B 382 -22.19 -1.29 3.84
C LEU B 382 -21.40 -0.45 4.84
N GLY B 383 -20.41 -1.05 5.47
CA GLY B 383 -19.61 -0.32 6.44
C GLY B 383 -20.24 -0.23 7.80
N SER B 384 -21.05 -1.21 8.19
CA SER B 384 -21.71 -1.17 9.48
C SER B 384 -20.71 -1.06 10.62
N GLN B 385 -20.99 -0.16 11.57
CA GLN B 385 -20.27 -0.11 12.82
C GLN B 385 -20.93 -0.94 13.90
N HIS B 386 -21.96 -1.73 13.55
CA HIS B 386 -22.71 -2.53 14.50
C HIS B 386 -22.75 -3.97 14.01
N PRO B 387 -22.30 -4.93 14.80
CA PRO B 387 -22.21 -6.33 14.34
C PRO B 387 -23.54 -7.05 14.45
N ILE B 388 -24.48 -6.66 13.60
CA ILE B 388 -25.84 -7.18 13.68
C ILE B 388 -25.86 -8.69 13.52
N GLY B 389 -25.05 -9.24 12.61
CA GLY B 389 -25.06 -10.68 12.42
C GLY B 389 -24.72 -11.43 13.70
N SER B 390 -23.64 -11.04 14.36
CA SER B 390 -23.25 -11.74 15.58
C SER B 390 -24.25 -11.49 16.70
N ASP B 391 -24.88 -10.31 16.72
CA ASP B 391 -25.89 -10.03 17.74
C ASP B 391 -27.09 -10.95 17.57
N MET B 392 -27.50 -11.17 16.33
CA MET B 392 -28.62 -12.07 16.06
C MET B 392 -28.25 -13.52 16.33
N GLN B 393 -27.04 -13.96 15.95
CA GLN B 393 -26.63 -15.30 16.32
C GLN B 393 -26.69 -15.47 17.83
N ALA B 394 -26.14 -14.49 18.57
CA ALA B 394 -26.11 -14.61 20.03
C ALA B 394 -27.52 -14.71 20.60
N ALA B 395 -28.44 -13.89 20.08
CA ALA B 395 -29.83 -13.97 20.53
C ALA B 395 -30.41 -15.35 20.28
N ALA B 396 -30.23 -15.88 19.07
CA ALA B 396 -30.75 -17.21 18.76
C ALA B 396 -30.14 -18.28 19.64
N MET B 397 -28.82 -18.22 19.87
CA MET B 397 -28.19 -19.19 20.77
C MET B 397 -28.81 -19.14 22.15
N SER B 398 -29.09 -17.94 22.64
CA SER B 398 -29.66 -17.79 23.97
C SER B 398 -31.08 -18.33 24.03
N MET B 399 -31.75 -18.43 22.90
CA MET B 399 -33.14 -18.89 22.87
C MET B 399 -33.29 -20.39 22.64
N LEU B 400 -32.20 -21.14 22.37
CA LEU B 400 -32.32 -22.53 21.94
C LEU B 400 -31.71 -23.52 22.94
N GLY B 401 -31.48 -23.11 24.18
CA GLY B 401 -31.08 -24.04 25.23
C GLY B 401 -29.75 -24.75 25.05
C1 GOL C . 19.02 7.12 -4.35
O1 GOL C . 20.13 7.31 -5.20
C2 GOL C . 18.11 8.35 -4.40
O2 GOL C . 18.64 9.34 -5.23
C3 GOL C . 17.93 8.92 -2.99
O3 GOL C . 17.12 10.06 -3.06
C10 9KL D . 11.54 14.13 -4.00
O13 9KL D . 9.85 14.65 -7.79
C01 9KL D . 13.31 10.22 -3.52
C02 9KL D . 13.55 10.99 -4.82
C03 9KL D . 15.03 11.36 -4.89
C06 9KL D . 12.61 12.18 -4.90
C07 9KL D . 11.89 12.34 -6.08
C08 9KL D . 11.01 13.40 -6.21
C09 9KL D . 10.83 14.29 -5.18
C11 9KL D . 12.42 13.08 -3.84
C12 9KL D . 10.25 13.57 -7.51
C14 9KL D . 10.00 12.41 -8.47
C15 9KL D . 10.12 12.61 -9.84
C16 9KL D . 9.89 11.56 -10.71
C17 9KL D . 9.52 10.32 -10.22
C18 9KL D . 9.40 10.12 -8.86
C19 9KL D . 9.63 11.16 -7.99
O04 9KL D . 15.87 10.42 -4.99
O05 9KL D . 15.43 12.55 -4.85
H101 9KL D . 11.42 14.73 -3.30
H013 9KL D . 12.53 10.56 -3.08
H012 9KL D . 14.09 10.33 -2.94
H011 9KL D . 13.20 9.28 -3.72
H021 9KL D . 13.34 10.46 -5.61
H071 9KL D . 12.01 11.74 -6.77
H091 9KL D . 10.24 15.00 -5.27
H111 9KL D . 12.89 12.96 -3.05
H151 9KL D . 10.35 13.44 -10.17
H161 9KL D . 9.97 11.68 -11.62
H171 9KL D . 9.37 9.61 -10.80
H181 9KL D . 9.15 9.28 -8.52
H191 9KL D . 9.55 11.03 -7.06
C1 GOL E . -16.43 -11.02 5.09
O1 GOL E . -16.39 -10.54 3.78
C2 GOL E . -16.86 -9.91 6.04
O2 GOL E . -18.20 -9.60 5.80
C3 GOL E . -16.68 -10.38 7.49
O3 GOL E . -17.26 -9.44 8.36
C10 9KL F . -16.47 -7.95 -2.71
O13 9KL F . -18.29 -4.26 -3.51
C01 9KL F . -14.93 -8.21 1.30
C02 9KL F . -16.30 -7.55 1.08
C03 9KL F . -17.34 -8.42 1.76
C06 9KL F . -16.51 -7.31 -0.40
C07 9KL F . -16.97 -6.05 -0.77
C08 9KL F . -17.19 -5.74 -2.09
C09 9KL F . -16.94 -6.70 -3.07
C11 9KL F . -16.25 -8.26 -1.37
C12 9KL F . -17.72 -4.37 -2.49
C14 9KL F . -17.54 -3.13 -1.62
C15 9KL F . -18.57 -2.21 -1.52
C16 9KL F . -18.42 -1.07 -0.75
C17 9KL F . -17.22 -0.84 -0.08
C18 9KL F . -16.18 -1.76 -0.18
C19 9KL F . -16.34 -2.89 -0.95
O04 9KL F . -18.21 -9.08 1.12
O05 9KL F . -17.32 -8.47 3.03
H101 9KL F . -16.29 -8.59 -3.36
H013 9KL F . -14.43 -7.70 1.96
H012 9KL F . -14.43 -8.20 0.47
H011 9KL F . -15.05 -9.11 1.59
H021 9KL F . -16.37 -6.66 1.48
H071 9KL F . -17.14 -5.40 -0.11
H091 9KL F . -17.09 -6.51 -3.97
H111 9KL F . -15.93 -9.09 -1.14
H151 9KL F . -19.37 -2.36 -1.97
H161 9KL F . -19.11 -0.45 -0.67
H171 9KL F . -17.11 -0.08 0.44
H181 9KL F . -15.39 -1.61 0.27
H191 9KL F . -15.65 -3.51 -1.03
#